data_5V9T
#
_entry.id   5V9T
#
_cell.length_a   159.615
_cell.length_b   159.615
_cell.length_c   92.071
_cell.angle_alpha   90.000
_cell.angle_beta   90.000
_cell.angle_gamma   120.000
#
_symmetry.space_group_name_H-M   'P 31'
#
loop_
_entity.id
_entity.type
_entity.pdbx_description
1 polymer 'Lysine-specific demethylase 5A'
2 polymer 'Lysine-specific demethylase 5A'
3 non-polymer 'NICKEL (II) ION'
4 non-polymer 'ZINC ION'
5 non-polymer N-{(3R)-1-[3-(propan-2-yl)-1H-pyrazole-5-carbonyl]pyrrolidin-3-yl}cyclopropanecarboxamide
6 water water
#
loop_
_entity_poly.entity_id
_entity_poly.type
_entity_poly.pdbx_seq_one_letter_code
_entity_poly.pdbx_strand_id
1 'polypeptide(L)'
;SEFVPPPECPVFEPSWEEFTDPLSFIGRIRPLAEKTGICKIRPPKDWQPPFACEVKSFRFTPRVQRLNELEAMTRVRLDF
LDQLAKFWELQGSTLKIPVVERKILDLYALSKIVASKGGFEMVTKEKKWSKVGSRLGYLPGKGTGSLLKSHYERILYPYE
LFQSGVSLMGVQMPNLDLKEKVEPEVLSTDTQTSPEPGTRMNILPKRTRRVKTQSESGDVSRNTELKKLQIFGAGPKVVG
LAMGTKDKEDEVTRRRKVTNRSDAFNMQMRQRKGTLSVNFVDLYVCMFCGRGNNEDKLLLCDGCDDSYHTFCLIPPLPDV
PKGDWRCPKCVAEECSKPREAFGFEQAVREYTLQSFGEMADNFKSDYFNMPVHMVPTELVEKEFWRLVSSIEEDVIVEYG
ADISSKDFGSGFPVKDGRRKILPEEEEYALSGWNLNNMPVLEQSVLAHINVDISGMKVPWLYVGMCFSSFCWHIEDHWSY
SINYLHWGEPKTWYGVPSHAAEQLEEVMRELAPELFESQPDLLHQLVTIMNPNVLMEHGVPVYRTNQCAGEFVVTFPRAY
HSGFNQGYNFAEAVNFCTADWLPIGRQCVNHYRRLRRHCVFSHEELIFKMAADPECLDVGLAAMVCKELTLMTEEETRLR
ESVVQMGVLMSEEEVFELVPDDERQCSACRTTCFLSALTCSCNPERLVCLYHPTDLCPCPMQKKCLRYRYPLEDLPSLLY
GVKVRAQSYDTWVSRVTEALSANFNHKKDLIELRVMLEDAEDRKYPENDLFRKLRDAVKEAETCASVGNS
;
A,B
2 'polypeptide(L)' (UNK)(UNK)(UNK)(UNK)(UNK)(UNK)(UNK)(UNK)(UNK)(UNK) G
#
loop_
_chem_comp.id
_chem_comp.type
_chem_comp.name
_chem_comp.formula
90V non-polymer N-{(3R)-1-[3-(propan-2-yl)-1H-pyrazole-5-carbonyl]pyrrolidin-3-yl}cyclopropanecarboxamide 'C15 H22 N4 O2'
NI non-polymer 'NICKEL (II) ION' 'Ni 2'
ZN non-polymer 'ZINC ION' 'Zn 2'
#
# COMPACT_ATOMS: atom_id res chain seq x y z
N GLU A 2 -42.87 -4.22 21.60
CA GLU A 2 -42.38 -5.50 22.11
C GLU A 2 -40.95 -5.34 22.62
N PHE A 3 -40.23 -4.36 22.08
CA PHE A 3 -38.82 -4.17 22.42
C PHE A 3 -38.66 -3.30 23.66
N VAL A 4 -37.58 -3.55 24.39
CA VAL A 4 -37.39 -3.05 25.74
C VAL A 4 -36.10 -2.23 25.78
N PRO A 5 -36.19 -0.91 25.70
CA PRO A 5 -34.99 -0.07 25.73
C PRO A 5 -34.16 -0.33 26.98
N PRO A 6 -32.86 -0.57 26.85
CA PRO A 6 -32.02 -0.75 28.05
C PRO A 6 -31.71 0.57 28.72
N PRO A 7 -31.14 0.53 29.93
CA PRO A 7 -30.83 1.77 30.65
C PRO A 7 -29.74 2.57 29.95
N GLU A 8 -29.95 3.88 29.88
CA GLU A 8 -29.03 4.74 29.15
C GLU A 8 -27.65 4.75 29.82
N CYS A 9 -26.64 5.01 29.00
CA CYS A 9 -25.25 5.04 29.41
C CYS A 9 -24.88 6.46 29.83
N PRO A 10 -23.87 6.60 30.68
CA PRO A 10 -23.56 7.91 31.28
C PRO A 10 -22.94 8.88 30.29
N VAL A 11 -23.14 10.17 30.55
CA VAL A 11 -22.61 11.25 29.73
C VAL A 11 -21.72 12.14 30.59
N PHE A 12 -20.86 12.93 29.93
CA PHE A 12 -19.96 13.84 30.62
C PHE A 12 -19.94 15.16 29.86
N GLU A 13 -20.23 16.27 30.56
CA GLU A 13 -20.17 17.59 29.96
C GLU A 13 -18.99 18.33 30.57
N PRO A 14 -17.76 18.04 30.13
CA PRO A 14 -16.57 18.59 30.81
C PRO A 14 -16.39 20.08 30.55
N SER A 15 -15.80 20.74 31.54
CA SER A 15 -15.41 22.13 31.41
C SER A 15 -14.28 22.25 30.40
N TRP A 16 -14.05 23.48 29.94
CA TRP A 16 -12.94 23.71 29.02
C TRP A 16 -11.60 23.32 29.63
N GLU A 17 -11.46 23.42 30.95
CA GLU A 17 -10.18 23.09 31.59
C GLU A 17 -9.96 21.58 31.68
N GLU A 18 -11.03 20.81 31.92
CA GLU A 18 -10.91 19.35 31.85
C GLU A 18 -10.73 18.89 30.41
N PHE A 19 -11.38 19.59 29.48
CA PHE A 19 -11.40 19.23 28.06
C PHE A 19 -10.05 19.40 27.40
N THR A 20 -9.03 19.85 28.12
CA THR A 20 -7.75 20.19 27.49
C THR A 20 -6.80 19.01 27.37
N ASP A 21 -6.88 18.02 28.27
CA ASP A 21 -6.10 16.79 28.17
C ASP A 21 -7.05 15.60 28.20
N PRO A 22 -7.42 15.04 27.04
CA PRO A 22 -8.47 13.98 27.03
C PRO A 22 -8.06 12.75 27.81
N LEU A 23 -6.93 12.16 27.44
CA LEU A 23 -6.51 10.91 28.09
C LEU A 23 -6.35 11.07 29.59
N SER A 24 -6.11 12.30 30.08
CA SER A 24 -6.17 12.57 31.51
C SER A 24 -7.61 12.72 31.98
N PHE A 25 -8.48 13.20 31.11
CA PHE A 25 -9.90 13.32 31.46
C PHE A 25 -10.60 11.98 31.39
N ILE A 26 -10.17 11.13 30.46
CA ILE A 26 -10.73 9.78 30.36
C ILE A 26 -10.26 8.93 31.53
N GLY A 27 -9.02 9.12 31.99
CA GLY A 27 -8.58 8.41 33.16
C GLY A 27 -9.44 8.70 34.36
N ARG A 28 -9.91 9.93 34.48
CA ARG A 28 -10.79 10.28 35.59
C ARG A 28 -12.04 9.42 35.57
N ILE A 29 -12.66 9.29 34.39
CA ILE A 29 -13.94 8.61 34.27
C ILE A 29 -13.78 7.13 34.00
N ARG A 30 -12.55 6.62 33.98
CA ARG A 30 -12.35 5.18 33.77
C ARG A 30 -13.01 4.35 34.86
N PRO A 31 -12.81 4.63 36.16
CA PRO A 31 -13.38 3.75 37.19
C PRO A 31 -14.88 3.70 37.12
N LEU A 32 -15.47 4.67 36.45
CA LEU A 32 -16.91 4.83 36.39
C LEU A 32 -17.51 4.29 35.09
N ALA A 33 -16.93 4.66 33.94
CA ALA A 33 -17.45 4.20 32.66
C ALA A 33 -17.03 2.77 32.38
N GLU A 34 -15.90 2.34 32.94
CA GLU A 34 -15.48 0.94 32.82
C GLU A 34 -16.66 -0.02 33.07
N LYS A 35 -17.60 0.39 33.92
CA LYS A 35 -18.70 -0.45 34.34
C LYS A 35 -19.91 -0.39 33.41
N THR A 36 -19.95 0.55 32.50
CA THR A 36 -20.94 0.53 31.43
C THR A 36 -20.36 0.12 30.09
N GLY A 37 -19.03 0.03 30.00
CA GLY A 37 -18.34 -0.37 28.77
C GLY A 37 -18.17 0.79 27.81
N ILE A 38 -19.20 1.62 27.69
CA ILE A 38 -19.19 2.78 26.82
C ILE A 38 -19.57 4.02 27.63
N CYS A 39 -19.33 5.18 27.02
CA CYS A 39 -19.70 6.43 27.66
C CYS A 39 -19.74 7.51 26.60
N LYS A 40 -20.75 8.36 26.67
CA LYS A 40 -20.91 9.51 25.79
C LYS A 40 -20.26 10.73 26.42
N ILE A 41 -19.84 11.67 25.57
CA ILE A 41 -19.10 12.86 26.02
C ILE A 41 -19.54 14.07 25.21
N ARG A 42 -20.07 15.08 25.88
CA ARG A 42 -20.51 16.29 25.21
C ARG A 42 -19.45 17.38 25.36
N PRO A 43 -18.86 17.87 24.27
CA PRO A 43 -17.88 18.95 24.42
C PRO A 43 -18.59 20.29 24.56
N PRO A 44 -17.88 21.32 25.00
CA PRO A 44 -18.48 22.66 25.07
C PRO A 44 -19.24 22.99 23.79
N LYS A 45 -20.34 23.73 23.95
CA LYS A 45 -21.15 24.06 22.78
C LYS A 45 -20.38 24.96 21.83
N ASP A 46 -19.42 25.73 22.35
CA ASP A 46 -18.59 26.58 21.50
C ASP A 46 -17.72 25.75 20.57
N TRP A 47 -17.35 24.54 20.98
CA TRP A 47 -16.52 23.64 20.19
C TRP A 47 -17.30 23.15 18.98
N GLN A 48 -17.02 23.72 17.81
CA GLN A 48 -17.71 23.36 16.57
C GLN A 48 -16.70 23.38 15.44
N PRO A 49 -15.95 22.30 15.24
CA PRO A 49 -14.95 22.29 14.18
C PRO A 49 -15.62 22.24 12.82
N PRO A 50 -15.04 22.85 11.80
CA PRO A 50 -15.64 22.77 10.46
C PRO A 50 -15.37 21.45 9.80
N PHE A 51 -16.31 21.04 8.96
CA PHE A 51 -16.16 19.81 8.19
C PHE A 51 -15.23 20.07 7.00
N ALA A 52 -14.09 19.38 6.98
CA ALA A 52 -13.06 19.68 5.99
C ALA A 52 -13.41 19.13 4.61
N CYS A 53 -14.33 18.18 4.52
CA CYS A 53 -14.57 17.49 3.27
C CYS A 53 -15.69 18.18 2.45
N GLU A 54 -15.72 17.87 1.15
CA GLU A 54 -16.74 18.39 0.25
C GLU A 54 -17.71 17.27 -0.07
N VAL A 55 -18.89 17.32 0.55
CA VAL A 55 -19.92 16.32 0.29
C VAL A 55 -20.13 16.14 -1.21
N LYS A 56 -20.30 17.24 -1.94
CA LYS A 56 -20.75 17.13 -3.33
C LYS A 56 -19.73 16.41 -4.21
N SER A 57 -18.45 16.47 -3.86
CA SER A 57 -17.41 15.70 -4.55
C SER A 57 -16.73 14.78 -3.55
N PHE A 58 -17.38 13.66 -3.24
CA PHE A 58 -16.83 12.69 -2.29
C PHE A 58 -17.52 11.36 -2.60
N ARG A 59 -16.81 10.48 -3.31
CA ARG A 59 -17.37 9.22 -3.74
C ARG A 59 -16.91 8.14 -2.78
N PHE A 60 -17.80 7.19 -2.49
CA PHE A 60 -17.42 6.00 -1.73
C PHE A 60 -18.18 4.80 -2.27
N THR A 61 -17.60 3.62 -2.06
CA THR A 61 -18.21 2.37 -2.51
C THR A 61 -19.15 1.87 -1.41
N PRO A 62 -20.44 1.71 -1.68
CA PRO A 62 -21.39 1.31 -0.63
C PRO A 62 -21.50 -0.20 -0.44
N ARG A 63 -21.72 -0.59 0.81
CA ARG A 63 -22.01 -1.96 1.19
C ARG A 63 -23.49 -2.11 1.52
N VAL A 64 -24.01 -3.31 1.31
CA VAL A 64 -25.44 -3.55 1.42
C VAL A 64 -25.73 -4.38 2.68
N GLN A 65 -26.93 -4.21 3.22
CA GLN A 65 -27.35 -4.94 4.40
C GLN A 65 -28.78 -5.42 4.22
N ARG A 66 -28.99 -6.71 4.41
CA ARG A 66 -30.31 -7.32 4.32
C ARG A 66 -30.66 -7.74 5.74
N LEU A 67 -31.43 -6.90 6.43
CA LEU A 67 -31.57 -7.04 7.88
C LEU A 67 -32.06 -8.43 8.28
N ASN A 68 -32.80 -9.10 7.40
CA ASN A 68 -33.24 -10.46 7.69
C ASN A 68 -32.04 -11.39 7.82
N GLU A 69 -31.19 -11.47 6.80
CA GLU A 69 -30.00 -12.29 6.85
C GLU A 69 -28.81 -11.54 7.43
N LEU A 70 -29.07 -10.47 8.19
CA LEU A 70 -28.00 -9.78 8.91
C LEU A 70 -27.49 -10.61 10.07
N GLU A 71 -28.38 -11.28 10.79
CA GLU A 71 -27.96 -12.27 11.77
C GLU A 71 -27.35 -13.47 11.04
N ALA A 72 -26.13 -13.85 11.44
CA ALA A 72 -25.52 -15.04 10.89
C ALA A 72 -25.71 -16.28 11.77
N MET A 73 -26.21 -16.11 12.99
CA MET A 73 -26.33 -17.21 13.93
C MET A 73 -27.71 -17.88 13.89
N THR A 74 -28.31 -17.98 12.70
CA THR A 74 -29.51 -18.79 12.52
C THR A 74 -29.26 -20.23 12.97
N ARG A 75 -30.32 -20.86 13.48
CA ARG A 75 -30.21 -22.28 13.84
C ARG A 75 -29.67 -23.08 12.67
N VAL A 76 -30.18 -22.83 11.47
CA VAL A 76 -29.89 -23.69 10.34
C VAL A 76 -28.42 -23.59 9.95
N ARG A 77 -27.88 -22.37 9.94
CA ARG A 77 -26.47 -22.20 9.61
C ARG A 77 -25.58 -22.93 10.61
N LEU A 78 -25.79 -22.69 11.90
CA LEU A 78 -24.94 -23.29 12.92
C LEU A 78 -24.97 -24.82 12.84
N ASP A 79 -26.17 -25.41 12.74
CA ASP A 79 -26.25 -26.87 12.64
C ASP A 79 -25.65 -27.36 11.33
N PHE A 80 -25.91 -26.65 10.24
CA PHE A 80 -25.25 -26.96 8.98
C PHE A 80 -23.75 -27.11 9.17
N LEU A 81 -23.10 -26.05 9.68
CA LEU A 81 -21.67 -26.10 9.92
C LEU A 81 -21.29 -27.19 10.90
N ASP A 82 -22.08 -27.34 11.96
CA ASP A 82 -21.87 -28.45 12.90
C ASP A 82 -21.77 -29.77 12.15
N GLN A 83 -22.72 -30.03 11.23
CA GLN A 83 -22.69 -31.28 10.48
C GLN A 83 -21.47 -31.34 9.57
N LEU A 84 -21.15 -30.24 8.89
CA LEU A 84 -20.07 -30.25 7.92
C LEU A 84 -18.75 -30.62 8.57
N ALA A 85 -18.52 -30.16 9.80
CA ALA A 85 -17.29 -30.50 10.50
C ALA A 85 -17.29 -31.96 10.92
N LYS A 86 -18.34 -32.42 11.61
CA LYS A 86 -18.43 -33.83 12.00
C LYS A 86 -18.25 -34.73 10.79
N PHE A 87 -18.58 -34.25 9.59
CA PHE A 87 -18.30 -34.97 8.35
C PHE A 87 -16.80 -35.03 8.06
N TRP A 88 -16.11 -33.90 8.17
CA TRP A 88 -14.69 -33.89 7.87
C TRP A 88 -13.86 -34.50 8.97
N GLU A 89 -14.31 -34.38 10.22
CA GLU A 89 -13.64 -35.11 11.30
C GLU A 89 -13.77 -36.61 11.07
N LEU A 90 -14.91 -37.05 10.53
CA LEU A 90 -15.05 -38.45 10.13
C LEU A 90 -14.01 -38.82 9.08
N GLN A 91 -13.82 -37.94 8.10
CA GLN A 91 -12.84 -38.15 7.05
C GLN A 91 -11.44 -37.72 7.45
N GLY A 92 -11.26 -37.14 8.65
CA GLY A 92 -9.92 -36.83 9.15
C GLY A 92 -9.24 -35.64 8.48
N SER A 93 -9.95 -34.51 8.41
CA SER A 93 -9.44 -33.34 7.72
C SER A 93 -9.55 -32.08 8.55
N THR A 94 -10.32 -32.07 9.64
CA THR A 94 -10.27 -30.98 10.60
C THR A 94 -10.59 -29.65 9.92
N LEU A 95 -11.87 -29.51 9.56
CA LEU A 95 -12.39 -28.42 8.73
C LEU A 95 -11.70 -27.07 8.90
N LYS A 96 -11.27 -26.47 7.78
CA LYS A 96 -10.61 -25.17 7.74
C LYS A 96 -11.51 -24.17 7.00
N ILE A 97 -11.91 -23.10 7.71
CA ILE A 97 -12.81 -22.10 7.17
C ILE A 97 -11.96 -21.03 6.45
N PRO A 98 -12.17 -20.81 5.16
CA PRO A 98 -11.33 -19.87 4.42
C PRO A 98 -11.81 -18.44 4.61
N VAL A 99 -11.02 -17.51 4.11
CA VAL A 99 -11.34 -16.08 4.12
C VAL A 99 -11.42 -15.63 2.67
N VAL A 100 -12.36 -14.74 2.37
CA VAL A 100 -12.53 -14.18 1.04
C VAL A 100 -12.90 -12.71 1.18
N GLU A 101 -12.22 -11.88 0.40
CA GLU A 101 -12.43 -10.43 0.44
C GLU A 101 -12.51 -9.94 1.89
N ARG A 102 -11.43 -10.21 2.61
N ARG A 102 -11.43 -10.21 2.62
CA ARG A 102 -11.19 -9.70 3.96
CA ARG A 102 -11.22 -9.69 3.97
C ARG A 102 -12.06 -10.36 5.03
C ARG A 102 -12.06 -10.37 5.04
N LYS A 103 -12.97 -11.25 4.66
CA LYS A 103 -13.84 -11.89 5.66
C LYS A 103 -14.19 -13.32 5.24
N ILE A 104 -14.59 -14.10 6.24
CA ILE A 104 -14.94 -15.52 6.11
C ILE A 104 -15.98 -15.77 5.02
N LEU A 105 -15.99 -16.99 4.50
CA LEU A 105 -16.97 -17.41 3.50
C LEU A 105 -18.19 -18.00 4.17
N ASP A 106 -19.38 -17.66 3.66
CA ASP A 106 -20.64 -18.17 4.20
C ASP A 106 -20.96 -19.46 3.44
N LEU A 107 -20.50 -20.58 4.00
CA LEU A 107 -20.60 -21.85 3.29
C LEU A 107 -22.05 -22.30 3.18
N TYR A 108 -22.82 -22.10 4.24
CA TYR A 108 -24.24 -22.42 4.19
C TYR A 108 -24.90 -21.69 3.03
N ALA A 109 -24.78 -20.36 3.04
CA ALA A 109 -25.27 -19.56 1.94
C ALA A 109 -24.77 -20.08 0.60
N LEU A 110 -23.49 -20.42 0.53
CA LEU A 110 -22.90 -20.91 -0.70
C LEU A 110 -23.54 -22.22 -1.16
N SER A 111 -23.58 -23.23 -0.29
CA SER A 111 -24.14 -24.51 -0.69
C SER A 111 -25.62 -24.39 -1.06
N LYS A 112 -26.37 -23.58 -0.31
CA LYS A 112 -27.78 -23.40 -0.64
C LYS A 112 -27.94 -22.93 -2.09
N ILE A 113 -27.18 -21.89 -2.45
CA ILE A 113 -27.30 -21.30 -3.78
C ILE A 113 -26.82 -22.27 -4.85
N VAL A 114 -25.62 -22.82 -4.68
CA VAL A 114 -25.08 -23.74 -5.68
C VAL A 114 -26.09 -24.82 -6.01
N ALA A 115 -26.73 -25.39 -5.00
CA ALA A 115 -27.73 -26.42 -5.24
C ALA A 115 -29.02 -25.86 -5.82
N SER A 116 -29.31 -24.58 -5.57
CA SER A 116 -30.49 -23.97 -6.17
C SER A 116 -30.45 -24.03 -7.69
N LYS A 117 -29.27 -24.23 -8.29
CA LYS A 117 -29.10 -24.24 -9.73
C LYS A 117 -28.36 -25.49 -10.18
N GLY A 118 -28.64 -26.62 -9.54
CA GLY A 118 -28.22 -27.91 -10.04
C GLY A 118 -26.91 -28.43 -9.47
N GLY A 119 -26.16 -27.60 -8.78
CA GLY A 119 -24.96 -28.04 -8.12
C GLY A 119 -23.69 -27.65 -8.83
N PHE A 120 -22.60 -28.21 -8.32
CA PHE A 120 -21.24 -27.87 -8.73
C PHE A 120 -21.02 -28.10 -10.22
N GLU A 121 -21.09 -29.35 -10.69
CA GLU A 121 -20.76 -29.63 -12.09
C GLU A 121 -21.74 -28.99 -13.04
N MET A 122 -22.99 -28.84 -12.63
CA MET A 122 -23.96 -28.09 -13.43
C MET A 122 -23.55 -26.63 -13.54
N VAL A 123 -23.28 -25.98 -12.40
CA VAL A 123 -22.85 -24.59 -12.41
C VAL A 123 -21.54 -24.42 -13.16
N THR A 124 -20.60 -25.35 -12.96
CA THR A 124 -19.32 -25.30 -13.65
C THR A 124 -19.51 -25.31 -15.16
N LYS A 125 -20.32 -26.26 -15.66
CA LYS A 125 -20.61 -26.35 -17.09
C LYS A 125 -21.63 -25.32 -17.54
N GLU A 126 -21.83 -24.26 -16.75
CA GLU A 126 -22.62 -23.11 -17.16
C GLU A 126 -21.97 -21.78 -16.79
N LYS A 127 -20.91 -21.79 -15.96
CA LYS A 127 -20.08 -20.61 -15.73
C LYS A 127 -20.83 -19.52 -14.94
N LYS A 128 -21.72 -19.93 -14.05
CA LYS A 128 -22.49 -18.98 -13.26
C LYS A 128 -21.83 -18.65 -11.94
N TRP A 129 -20.57 -19.02 -11.76
CA TRP A 129 -19.88 -18.75 -10.51
C TRP A 129 -19.86 -17.26 -10.20
N SER A 130 -19.82 -16.42 -11.22
CA SER A 130 -19.80 -14.99 -10.98
C SER A 130 -21.17 -14.47 -10.58
N LYS A 131 -22.24 -15.05 -11.12
CA LYS A 131 -23.59 -14.79 -10.61
C LYS A 131 -23.71 -15.17 -9.14
N VAL A 132 -22.96 -16.17 -8.71
CA VAL A 132 -22.97 -16.56 -7.30
C VAL A 132 -22.39 -15.44 -6.45
N GLY A 133 -21.15 -15.03 -6.76
CA GLY A 133 -20.52 -13.95 -6.02
C GLY A 133 -21.37 -12.70 -5.97
N SER A 134 -22.22 -12.51 -6.98
CA SER A 134 -23.15 -11.39 -6.98
C SER A 134 -24.09 -11.50 -5.79
N ARG A 135 -24.85 -12.60 -5.71
CA ARG A 135 -25.82 -12.76 -4.64
C ARG A 135 -25.19 -12.88 -3.27
N LEU A 136 -23.91 -13.23 -3.20
CA LEU A 136 -23.20 -13.27 -1.93
C LEU A 136 -22.58 -11.93 -1.56
N GLY A 137 -22.81 -10.88 -2.35
CA GLY A 137 -22.32 -9.56 -2.01
C GLY A 137 -20.84 -9.36 -2.22
N TYR A 138 -20.19 -10.19 -3.04
CA TYR A 138 -18.78 -10.02 -3.30
C TYR A 138 -18.58 -9.07 -4.48
N LEU A 139 -17.69 -8.11 -4.30
CA LEU A 139 -17.48 -7.06 -5.30
C LEU A 139 -16.81 -7.63 -6.54
N PRO A 140 -17.39 -7.48 -7.73
CA PRO A 140 -16.68 -7.88 -8.95
C PRO A 140 -15.68 -6.82 -9.35
N GLY A 141 -14.85 -7.15 -10.34
CA GLY A 141 -14.79 -8.42 -11.02
C GLY A 141 -13.46 -9.08 -10.70
N LYS A 142 -13.08 -9.01 -9.41
CA LYS A 142 -11.77 -9.43 -8.91
C LYS A 142 -11.54 -10.94 -9.00
N GLY A 143 -12.40 -11.69 -9.67
CA GLY A 143 -12.18 -13.10 -9.88
C GLY A 143 -12.73 -14.00 -8.80
N THR A 144 -13.60 -13.47 -7.94
CA THR A 144 -14.15 -14.25 -6.85
C THR A 144 -14.84 -15.50 -7.37
N GLY A 145 -15.60 -15.38 -8.46
CA GLY A 145 -16.32 -16.51 -9.01
C GLY A 145 -15.48 -17.76 -9.06
N SER A 146 -14.42 -17.75 -9.87
CA SER A 146 -13.57 -18.93 -10.02
C SER A 146 -12.86 -19.30 -8.72
N LEU A 147 -12.79 -18.37 -7.75
CA LEU A 147 -12.19 -18.69 -6.47
C LEU A 147 -13.11 -19.55 -5.61
N LEU A 148 -14.41 -19.29 -5.63
CA LEU A 148 -15.35 -20.08 -4.83
C LEU A 148 -15.40 -21.52 -5.31
N LYS A 149 -15.47 -21.71 -6.62
CA LYS A 149 -15.39 -23.06 -7.19
C LYS A 149 -14.24 -23.84 -6.55
N SER A 150 -13.09 -23.20 -6.38
CA SER A 150 -11.94 -23.89 -5.79
C SER A 150 -12.24 -24.32 -4.36
N HIS A 151 -12.93 -23.48 -3.61
CA HIS A 151 -13.27 -23.81 -2.23
C HIS A 151 -14.44 -24.78 -2.16
N TYR A 152 -15.45 -24.59 -2.99
CA TYR A 152 -16.56 -25.53 -3.01
C TYR A 152 -16.05 -26.95 -3.25
N GLU A 153 -15.42 -27.18 -4.40
CA GLU A 153 -14.90 -28.49 -4.75
C GLU A 153 -14.07 -29.11 -3.63
N ARG A 154 -13.36 -28.29 -2.85
CA ARG A 154 -12.45 -28.80 -1.83
C ARG A 154 -13.17 -29.12 -0.53
N ILE A 155 -14.30 -28.46 -0.26
CA ILE A 155 -14.96 -28.54 1.04
C ILE A 155 -16.40 -29.01 0.92
N LEU A 156 -17.13 -28.56 -0.09
CA LEU A 156 -18.57 -28.80 -0.15
C LEU A 156 -19.00 -29.90 -1.12
N TYR A 157 -18.41 -30.00 -2.31
CA TYR A 157 -18.82 -31.04 -3.26
C TYR A 157 -18.79 -32.42 -2.63
N PRO A 158 -17.83 -32.78 -1.76
CA PRO A 158 -17.92 -34.09 -1.10
C PRO A 158 -19.12 -34.20 -0.18
N TYR A 159 -19.39 -33.15 0.59
CA TYR A 159 -20.59 -33.09 1.42
C TYR A 159 -21.85 -33.05 0.56
N GLU A 160 -21.79 -32.38 -0.59
CA GLU A 160 -22.93 -32.37 -1.50
C GLU A 160 -23.32 -33.79 -1.87
N LEU A 161 -22.34 -34.61 -2.25
CA LEU A 161 -22.60 -36.00 -2.60
C LEU A 161 -23.11 -36.77 -1.38
N PHE A 162 -22.39 -36.64 -0.26
CA PHE A 162 -22.83 -37.22 1.00
C PHE A 162 -24.25 -36.81 1.33
N GLN A 163 -24.48 -35.50 1.50
CA GLN A 163 -25.83 -34.97 1.72
C GLN A 163 -26.78 -35.43 0.63
N SER A 164 -26.26 -35.64 -0.57
CA SER A 164 -27.01 -36.24 -1.66
C SER A 164 -27.04 -37.74 -1.48
N GLY A 165 -27.32 -38.47 -2.54
CA GLY A 165 -27.38 -39.90 -2.42
C GLY A 165 -26.02 -40.46 -2.08
N VAL A 166 -25.79 -41.71 -2.46
CA VAL A 166 -24.54 -42.37 -2.10
C VAL A 166 -23.33 -41.59 -2.64
N SER A 167 -23.16 -41.59 -3.96
CA SER A 167 -22.47 -40.56 -4.71
C SER A 167 -21.02 -40.32 -4.27
N LEU A 168 -20.34 -41.25 -3.59
CA LEU A 168 -18.96 -41.02 -3.20
C LEU A 168 -18.06 -42.15 -3.71
N MET A 169 -17.16 -41.79 -4.63
CA MET A 169 -16.02 -42.63 -5.01
C MET A 169 -14.72 -41.87 -5.15
N GLY A 170 -14.77 -40.55 -5.37
CA GLY A 170 -13.58 -39.73 -5.56
C GLY A 170 -13.95 -38.37 -6.12
N VAL A 171 -13.09 -37.36 -6.02
CA VAL A 171 -11.73 -37.45 -5.48
C VAL A 171 -11.68 -36.72 -4.15
N GLN A 172 -10.55 -36.82 -3.44
CA GLN A 172 -10.52 -36.43 -2.03
C GLN A 172 -9.12 -35.99 -1.62
N MET A 173 -9.07 -35.16 -0.58
CA MET A 173 -7.85 -34.89 0.22
C MET A 173 -8.20 -33.84 1.29
N TYR A 351 -21.17 6.00 -5.57
CA TYR A 351 -22.05 6.85 -4.74
C TYR A 351 -21.41 8.13 -4.23
N THR A 352 -22.23 9.17 -4.11
CA THR A 352 -21.82 10.45 -3.55
C THR A 352 -22.61 10.74 -2.29
N LEU A 353 -21.94 11.32 -1.30
CA LEU A 353 -22.63 11.74 -0.09
C LEU A 353 -23.90 12.50 -0.41
N GLN A 354 -23.80 13.51 -1.28
CA GLN A 354 -24.98 14.23 -1.74
C GLN A 354 -26.05 13.26 -2.23
N SER A 355 -25.71 12.48 -3.25
CA SER A 355 -26.65 11.51 -3.79
C SER A 355 -27.01 10.45 -2.76
N PHE A 356 -26.25 10.37 -1.67
CA PHE A 356 -26.56 9.41 -0.61
C PHE A 356 -27.63 9.94 0.34
N GLY A 357 -27.52 11.21 0.74
CA GLY A 357 -28.57 11.80 1.54
C GLY A 357 -29.90 11.82 0.82
N GLU A 358 -29.88 12.12 -0.48
CA GLU A 358 -31.12 12.11 -1.25
C GLU A 358 -31.82 10.76 -1.16
N MET A 359 -31.05 9.68 -1.16
CA MET A 359 -31.64 8.34 -1.08
C MET A 359 -32.23 8.11 0.30
N ALA A 360 -31.44 8.34 1.35
CA ALA A 360 -31.87 8.04 2.71
C ALA A 360 -33.07 8.89 3.12
N ASP A 361 -32.93 10.22 3.03
CA ASP A 361 -34.01 11.11 3.45
C ASP A 361 -35.29 10.85 2.66
N ASN A 362 -35.20 10.30 1.45
CA ASN A 362 -36.39 9.83 0.76
C ASN A 362 -36.84 8.49 1.31
N PHE A 363 -35.90 7.60 1.60
CA PHE A 363 -36.24 6.26 2.08
C PHE A 363 -36.89 6.32 3.46
N LYS A 364 -36.30 7.10 4.37
CA LYS A 364 -36.87 7.25 5.71
C LYS A 364 -38.32 7.75 5.64
N SER A 365 -38.54 8.87 4.96
CA SER A 365 -39.89 9.45 4.92
C SER A 365 -40.88 8.48 4.31
N ASP A 366 -40.57 7.94 3.14
CA ASP A 366 -41.50 7.01 2.50
C ASP A 366 -41.75 5.78 3.36
N TYR A 367 -40.86 5.50 4.31
CA TYR A 367 -41.05 4.40 5.24
C TYR A 367 -42.10 4.74 6.28
N PHE A 368 -41.84 5.77 7.09
CA PHE A 368 -42.77 6.21 8.13
C PHE A 368 -43.76 7.26 7.64
N ASN A 369 -43.58 7.79 6.43
CA ASN A 369 -44.45 8.84 5.89
C ASN A 369 -44.40 10.10 6.75
N MET A 370 -43.19 10.55 7.05
CA MET A 370 -42.98 11.74 7.88
C MET A 370 -41.69 12.39 7.43
N PRO A 371 -41.42 13.62 7.90
CA PRO A 371 -40.09 14.20 7.74
C PRO A 371 -39.08 13.52 8.65
N VAL A 372 -37.83 13.46 8.17
CA VAL A 372 -36.81 12.63 8.80
C VAL A 372 -36.43 13.17 10.17
N HIS A 373 -36.34 14.49 10.31
CA HIS A 373 -36.01 15.10 11.59
C HIS A 373 -37.21 15.15 12.55
N MET A 374 -38.32 14.50 12.17
CA MET A 374 -39.54 14.51 12.96
C MET A 374 -39.86 13.18 13.63
N VAL A 375 -39.23 12.09 13.21
CA VAL A 375 -39.57 10.77 13.75
C VAL A 375 -38.79 10.55 15.04
N PRO A 376 -39.45 10.16 16.14
CA PRO A 376 -38.72 9.96 17.39
C PRO A 376 -37.74 8.81 17.28
N THR A 377 -36.76 8.83 18.18
CA THR A 377 -35.74 7.78 18.21
C THR A 377 -36.33 6.48 18.69
N GLU A 378 -36.98 6.51 19.86
CA GLU A 378 -37.49 5.30 20.47
C GLU A 378 -38.27 4.45 19.48
N LEU A 379 -38.97 5.10 18.54
CA LEU A 379 -39.79 4.37 17.57
C LEU A 379 -38.93 3.60 16.59
N VAL A 380 -37.93 4.25 16.02
CA VAL A 380 -37.04 3.59 15.06
C VAL A 380 -36.33 2.41 15.73
N GLU A 381 -35.80 2.64 16.94
CA GLU A 381 -35.24 1.54 17.72
C GLU A 381 -36.18 0.34 17.75
N LYS A 382 -37.48 0.60 17.90
CA LYS A 382 -38.46 -0.48 17.93
C LYS A 382 -38.49 -1.23 16.61
N GLU A 383 -38.61 -0.52 15.49
CA GLU A 383 -38.76 -1.18 14.20
C GLU A 383 -37.52 -1.96 13.81
N PHE A 384 -36.34 -1.38 14.06
CA PHE A 384 -35.09 -2.02 13.67
C PHE A 384 -35.02 -3.45 14.20
N TRP A 385 -35.10 -3.61 15.53
CA TRP A 385 -35.10 -4.94 16.12
C TRP A 385 -36.27 -5.78 15.67
N ARG A 386 -37.42 -5.15 15.42
CA ARG A 386 -38.54 -5.87 14.81
C ARG A 386 -38.13 -6.46 13.47
N LEU A 387 -37.49 -5.66 12.62
CA LEU A 387 -37.19 -6.10 11.26
C LEU A 387 -36.22 -7.27 11.24
N VAL A 388 -35.25 -7.25 12.15
CA VAL A 388 -34.20 -8.27 12.13
C VAL A 388 -34.82 -9.66 12.14
N SER A 389 -35.71 -9.91 13.09
CA SER A 389 -36.32 -11.21 13.29
C SER A 389 -37.60 -11.41 12.49
N SER A 390 -38.08 -10.38 11.81
CA SER A 390 -39.31 -10.47 11.03
C SER A 390 -38.97 -11.07 9.67
N ILE A 391 -39.47 -12.29 9.43
CA ILE A 391 -39.44 -12.85 8.08
C ILE A 391 -40.58 -12.34 7.22
N GLU A 392 -41.62 -11.78 7.85
CA GLU A 392 -42.82 -11.36 7.13
C GLU A 392 -42.54 -10.26 6.10
N GLU A 393 -41.36 -9.64 6.13
CA GLU A 393 -41.02 -8.60 5.17
C GLU A 393 -39.50 -8.45 5.11
N ASP A 394 -38.98 -8.20 3.92
CA ASP A 394 -37.55 -8.06 3.66
C ASP A 394 -37.21 -6.60 3.39
N VAL A 395 -36.10 -6.14 3.98
CA VAL A 395 -35.71 -4.74 3.95
C VAL A 395 -34.22 -4.66 3.66
N ILE A 396 -33.85 -3.90 2.62
CA ILE A 396 -32.48 -3.74 2.17
C ILE A 396 -32.03 -2.32 2.45
N VAL A 397 -30.79 -2.17 2.91
CA VAL A 397 -30.24 -0.85 3.23
C VAL A 397 -28.75 -0.83 2.88
N GLU A 398 -28.25 0.36 2.56
CA GLU A 398 -26.88 0.57 2.14
C GLU A 398 -26.12 1.39 3.17
N TYR A 399 -24.80 1.22 3.20
CA TYR A 399 -23.97 2.01 4.10
C TYR A 399 -22.56 2.05 3.51
N GLY A 400 -21.67 2.75 4.21
CA GLY A 400 -20.27 2.80 3.82
C GLY A 400 -19.43 2.81 5.08
N ALA A 401 -18.45 1.91 5.16
CA ALA A 401 -17.71 1.68 6.40
C ALA A 401 -16.27 1.38 6.09
N ASP A 402 -15.48 1.27 7.15
CA ASP A 402 -14.06 0.92 7.07
C ASP A 402 -13.42 1.64 5.88
N ILE A 403 -13.43 2.95 6.00
CA ILE A 403 -12.94 3.89 5.00
C ILE A 403 -11.74 4.60 5.59
N SER A 404 -10.60 4.51 4.92
CA SER A 404 -9.40 5.13 5.45
C SER A 404 -9.46 6.65 5.29
N SER A 405 -9.06 7.35 6.35
CA SER A 405 -8.82 8.78 6.26
C SER A 405 -7.64 9.07 5.34
N LYS A 406 -6.61 8.23 5.41
CA LYS A 406 -5.42 8.44 4.60
C LYS A 406 -5.77 8.57 3.12
N ASP A 407 -6.73 7.77 2.68
CA ASP A 407 -7.07 7.69 1.27
C ASP A 407 -8.15 8.69 0.89
N PHE A 408 -9.17 8.87 1.73
CA PHE A 408 -10.30 9.74 1.40
C PHE A 408 -10.23 11.10 2.08
N GLY A 409 -9.38 11.26 3.08
CA GLY A 409 -9.29 12.49 3.85
C GLY A 409 -10.15 12.42 5.10
N SER A 410 -9.68 13.11 6.14
CA SER A 410 -10.42 13.18 7.38
C SER A 410 -11.48 14.28 7.31
N GLY A 411 -12.46 14.20 8.22
CA GLY A 411 -13.41 15.28 8.43
C GLY A 411 -12.89 16.40 9.28
N PHE A 412 -11.73 16.19 9.98
CA PHE A 412 -11.05 17.18 10.79
C PHE A 412 -9.97 17.89 9.97
N PRO A 413 -9.70 19.15 10.27
CA PRO A 413 -8.54 19.82 9.66
C PRO A 413 -7.24 19.37 10.29
N VAL A 414 -6.27 19.06 9.44
CA VAL A 414 -4.96 18.62 9.90
C VAL A 414 -3.87 19.29 9.08
N LYS A 415 -2.75 19.58 9.74
CA LYS A 415 -1.60 20.25 9.13
C LYS A 415 -0.71 19.21 8.46
N ASP A 416 -0.99 18.92 7.17
CA ASP A 416 -0.25 17.92 6.42
C ASP A 416 0.22 18.43 5.06
N GLY A 417 0.10 19.73 4.79
CA GLY A 417 0.52 20.27 3.51
C GLY A 417 -0.49 20.14 2.39
N ARG A 418 -1.52 19.31 2.56
CA ARG A 418 -2.58 19.23 1.56
C ARG A 418 -3.26 20.58 1.36
N ARG A 419 -3.25 21.45 2.36
CA ARG A 419 -4.16 22.59 2.41
C ARG A 419 -3.49 23.75 3.11
N LYS A 420 -3.71 24.95 2.59
CA LYS A 420 -3.56 26.15 3.41
C LYS A 420 -4.65 26.12 4.49
N ILE A 421 -4.23 26.15 5.75
CA ILE A 421 -5.15 26.02 6.88
C ILE A 421 -5.58 27.40 7.34
N LEU A 422 -6.89 27.63 7.35
CA LEU A 422 -7.43 28.87 7.87
C LEU A 422 -7.14 29.00 9.37
N PRO A 423 -7.02 30.22 9.87
CA PRO A 423 -6.84 30.38 11.33
C PRO A 423 -8.10 30.05 12.12
N GLU A 424 -9.28 30.23 11.52
CA GLU A 424 -10.50 29.75 12.15
C GLU A 424 -10.34 28.30 12.56
N GLU A 425 -9.77 27.48 11.67
CA GLU A 425 -9.59 26.05 11.91
C GLU A 425 -8.35 25.73 12.72
N GLU A 426 -7.38 26.65 12.82
CA GLU A 426 -6.13 26.35 13.48
C GLU A 426 -6.38 25.73 14.86
N GLU A 427 -7.32 26.30 15.62
CA GLU A 427 -7.65 25.79 16.95
C GLU A 427 -7.97 24.30 16.91
N TYR A 428 -8.88 23.91 16.03
CA TYR A 428 -9.39 22.54 16.02
C TYR A 428 -8.41 21.55 15.40
N ALA A 429 -7.44 22.03 14.61
CA ALA A 429 -6.47 21.13 13.99
C ALA A 429 -5.42 20.66 14.98
N LEU A 430 -5.12 21.47 15.98
CA LEU A 430 -4.18 21.09 17.02
C LEU A 430 -4.86 20.42 18.22
N SER A 431 -6.18 20.44 18.30
CA SER A 431 -6.84 19.86 19.45
C SER A 431 -6.46 18.39 19.59
N GLY A 432 -6.29 17.95 20.84
CA GLY A 432 -6.10 16.55 21.11
C GLY A 432 -7.34 15.72 20.85
N TRP A 433 -8.49 16.39 20.78
CA TRP A 433 -9.73 15.73 20.43
C TRP A 433 -9.90 15.64 18.92
N ASN A 434 -8.98 16.20 18.14
CA ASN A 434 -8.84 15.84 16.73
C ASN A 434 -8.30 14.42 16.66
N LEU A 435 -9.13 13.49 16.17
CA LEU A 435 -8.81 12.08 16.10
C LEU A 435 -7.59 11.74 15.25
N ASN A 436 -7.00 12.72 14.58
CA ASN A 436 -5.72 12.49 13.97
C ASN A 436 -4.56 12.75 14.92
N ASN A 437 -4.81 13.41 16.06
CA ASN A 437 -3.76 13.71 17.02
C ASN A 437 -3.77 12.80 18.23
N MET A 438 -4.84 12.05 18.45
CA MET A 438 -4.95 11.25 19.67
C MET A 438 -3.81 10.25 19.83
N PRO A 439 -3.62 9.30 18.93
CA PRO A 439 -2.58 8.28 19.13
C PRO A 439 -1.15 8.84 19.25
N VAL A 440 -0.96 10.15 19.10
CA VAL A 440 0.36 10.77 19.22
C VAL A 440 0.58 11.44 20.58
N LEU A 441 -0.44 11.59 21.40
CA LEU A 441 -0.29 12.32 22.64
C LEU A 441 0.64 11.59 23.62
N GLU A 442 1.36 12.39 24.41
CA GLU A 442 2.42 11.87 25.27
C GLU A 442 1.90 10.83 26.27
N GLN A 443 0.58 10.68 26.40
CA GLN A 443 0.01 9.65 27.25
C GLN A 443 -0.41 8.42 26.45
N SER A 444 -0.51 8.52 25.14
CA SER A 444 -0.80 7.37 24.33
C SER A 444 0.46 6.53 24.15
N VAL A 445 0.25 5.28 23.76
CA VAL A 445 1.35 4.32 23.67
C VAL A 445 2.14 4.52 22.39
N LEU A 446 1.46 4.85 21.30
CA LEU A 446 2.09 4.89 20.01
C LEU A 446 2.80 6.21 19.73
N ALA A 447 2.94 7.06 20.75
CA ALA A 447 3.30 8.46 20.53
C ALA A 447 4.64 8.60 19.83
N HIS A 448 5.61 7.75 20.18
CA HIS A 448 6.97 7.86 19.65
C HIS A 448 7.43 6.58 18.96
N ILE A 449 6.53 5.64 18.69
CA ILE A 449 6.92 4.32 18.18
C ILE A 449 6.59 4.24 16.70
N ASN A 450 6.66 5.39 16.00
CA ASN A 450 6.28 5.41 14.60
C ASN A 450 7.31 4.62 13.82
N VAL A 451 7.38 3.32 14.13
CA VAL A 451 8.31 2.39 13.49
C VAL A 451 7.61 1.12 13.06
N ASP A 452 6.30 1.01 13.28
CA ASP A 452 5.51 -0.14 12.85
C ASP A 452 4.11 0.35 12.56
N ILE A 453 3.74 0.39 11.27
CA ILE A 453 2.38 0.75 10.89
C ILE A 453 1.43 -0.37 11.28
N SER A 454 0.22 -0.01 11.66
CA SER A 454 -0.75 -0.97 12.15
C SER A 454 -2.13 -0.81 11.54
N GLY A 455 -2.47 0.34 10.98
CA GLY A 455 -3.84 0.64 10.61
C GLY A 455 -4.70 1.11 11.77
N MET A 456 -4.12 1.19 12.98
CA MET A 456 -4.84 1.58 14.18
C MET A 456 -4.33 2.91 14.73
N LYS A 457 -3.41 3.58 14.05
CA LYS A 457 -3.04 4.94 14.39
C LYS A 457 -3.58 5.92 13.34
N VAL A 458 -4.65 5.55 12.66
CA VAL A 458 -5.17 6.34 11.54
C VAL A 458 -6.69 6.24 11.61
N PRO A 459 -7.42 7.35 11.59
CA PRO A 459 -8.88 7.27 11.72
C PRO A 459 -9.55 6.62 10.53
N TRP A 460 -10.80 6.24 10.73
CA TRP A 460 -11.63 5.60 9.71
C TRP A 460 -12.92 6.39 9.60
N LEU A 461 -13.66 6.16 8.52
CA LEU A 461 -14.86 6.93 8.24
C LEU A 461 -16.03 6.01 8.04
N TYR A 462 -17.18 6.40 8.58
CA TYR A 462 -18.37 5.53 8.57
C TYR A 462 -19.56 6.39 8.19
N VAL A 463 -19.97 6.29 6.93
CA VAL A 463 -21.10 7.06 6.41
C VAL A 463 -22.35 6.22 6.64
N GLY A 464 -23.33 6.80 7.32
CA GLY A 464 -24.42 6.01 7.84
C GLY A 464 -25.77 6.38 7.29
N MET A 465 -26.68 5.42 7.34
CA MET A 465 -28.03 5.56 6.82
C MET A 465 -29.00 4.91 7.81
N CYS A 466 -30.28 5.28 7.72
CA CYS A 466 -31.28 4.74 8.62
C CYS A 466 -31.33 3.22 8.54
N PHE A 467 -31.21 2.56 9.70
CA PHE A 467 -31.16 1.11 9.90
C PHE A 467 -29.80 0.53 9.57
N SER A 468 -28.87 1.32 9.03
CA SER A 468 -27.50 0.85 8.90
C SER A 468 -27.02 0.39 10.28
N SER A 469 -26.43 -0.80 10.34
CA SER A 469 -26.13 -1.46 11.60
C SER A 469 -24.73 -2.04 11.61
N PHE A 470 -24.08 -1.98 12.77
CA PHE A 470 -22.84 -2.70 13.00
C PHE A 470 -23.07 -3.72 14.11
N CYS A 471 -22.46 -4.90 13.95
CA CYS A 471 -22.70 -6.04 14.80
C CYS A 471 -21.82 -5.99 16.05
N TRP A 472 -22.13 -6.85 17.01
CA TRP A 472 -21.40 -6.90 18.26
C TRP A 472 -19.92 -7.12 17.98
N HIS A 473 -19.07 -6.32 18.61
CA HIS A 473 -17.65 -6.51 18.37
C HIS A 473 -16.85 -5.82 19.46
N ILE A 474 -15.57 -6.17 19.49
CA ILE A 474 -14.58 -5.54 20.35
C ILE A 474 -13.40 -5.10 19.48
N GLU A 475 -12.46 -4.42 20.10
CA GLU A 475 -11.38 -3.81 19.34
C GLU A 475 -10.17 -4.73 19.27
N ASP A 476 -9.54 -4.75 18.09
CA ASP A 476 -8.31 -5.51 17.92
C ASP A 476 -7.38 -5.21 19.08
N HIS A 477 -6.92 -6.27 19.76
CA HIS A 477 -6.09 -6.15 20.95
C HIS A 477 -6.80 -5.44 22.09
N TRP A 478 -8.14 -5.40 22.07
CA TRP A 478 -8.93 -4.97 23.22
C TRP A 478 -8.60 -3.53 23.61
N SER A 479 -8.61 -2.67 22.60
CA SER A 479 -8.21 -1.29 22.80
C SER A 479 -9.45 -0.42 23.01
N TYR A 480 -9.21 0.81 23.46
CA TYR A 480 -10.25 1.82 23.39
C TYR A 480 -10.67 2.07 21.96
N SER A 481 -11.93 2.41 21.79
CA SER A 481 -12.44 3.00 20.57
C SER A 481 -12.98 4.37 20.94
N ILE A 482 -12.78 5.35 20.06
CA ILE A 482 -13.42 6.64 20.22
C ILE A 482 -14.01 7.07 18.89
N ASN A 483 -15.25 7.53 18.92
CA ASN A 483 -16.01 7.80 17.70
C ASN A 483 -16.66 9.17 17.82
N TYR A 484 -16.47 10.01 16.81
CA TYR A 484 -17.06 11.32 16.73
C TYR A 484 -18.10 11.32 15.61
N LEU A 485 -19.22 11.99 15.83
CA LEU A 485 -20.25 12.13 14.81
C LEU A 485 -20.18 13.57 14.31
N HIS A 486 -19.51 13.76 13.16
CA HIS A 486 -19.32 15.10 12.60
C HIS A 486 -20.66 15.80 12.37
N TRP A 487 -21.62 15.10 11.78
CA TRP A 487 -22.92 15.71 11.49
C TRP A 487 -23.89 14.59 11.16
N GLY A 488 -25.17 14.96 11.08
CA GLY A 488 -26.21 14.08 10.61
C GLY A 488 -27.17 13.66 11.70
N GLU A 489 -28.01 12.69 11.34
CA GLU A 489 -28.99 12.16 12.26
C GLU A 489 -28.32 11.22 13.25
N PRO A 490 -28.97 10.93 14.38
CA PRO A 490 -28.26 10.29 15.48
C PRO A 490 -27.88 8.85 15.20
N LYS A 491 -26.94 8.36 16.01
CA LYS A 491 -26.45 6.98 15.97
C LYS A 491 -26.76 6.31 17.30
N THR A 492 -27.50 5.21 17.25
CA THR A 492 -27.86 4.47 18.46
C THR A 492 -26.79 3.43 18.79
N TRP A 493 -26.33 3.46 20.02
CA TRP A 493 -25.37 2.49 20.53
C TRP A 493 -26.03 1.49 21.48
N TYR A 494 -25.27 0.43 21.73
CA TYR A 494 -25.53 -0.58 22.75
C TYR A 494 -24.19 -1.02 23.30
N GLY A 495 -24.01 -0.96 24.61
CA GLY A 495 -22.74 -1.28 25.23
C GLY A 495 -22.85 -2.37 26.28
N VAL A 496 -21.69 -2.93 26.62
CA VAL A 496 -21.61 -4.03 27.58
C VAL A 496 -20.27 -3.95 28.29
N PRO A 497 -20.22 -3.87 29.62
CA PRO A 497 -18.94 -3.66 30.30
C PRO A 497 -17.98 -4.82 30.09
N SER A 498 -16.72 -4.57 30.46
CA SER A 498 -15.65 -5.53 30.24
C SER A 498 -15.85 -6.77 31.10
N HIS A 499 -16.07 -6.58 32.40
CA HIS A 499 -16.14 -7.71 33.31
C HIS A 499 -17.21 -8.72 32.90
N ALA A 500 -18.16 -8.33 32.06
CA ALA A 500 -19.20 -9.22 31.58
C ALA A 500 -18.92 -9.74 30.19
N ALA A 501 -17.64 -9.82 29.81
CA ALA A 501 -17.28 -10.25 28.45
C ALA A 501 -17.33 -11.77 28.34
N GLU A 502 -16.57 -12.47 29.19
CA GLU A 502 -16.64 -13.93 29.22
C GLU A 502 -18.06 -14.40 29.41
N GLN A 503 -18.83 -13.64 30.21
CA GLN A 503 -20.25 -13.92 30.36
C GLN A 503 -20.99 -13.73 29.04
N LEU A 504 -20.64 -12.68 28.29
CA LEU A 504 -21.31 -12.41 27.02
C LEU A 504 -21.00 -13.48 25.99
N GLU A 505 -19.74 -13.90 25.90
CA GLU A 505 -19.37 -14.89 24.89
C GLU A 505 -20.01 -16.25 25.17
N GLU A 506 -20.14 -16.60 26.47
CA GLU A 506 -20.67 -17.90 26.87
C GLU A 506 -22.05 -18.16 26.28
N VAL A 507 -22.88 -17.13 26.13
CA VAL A 507 -24.26 -17.37 25.73
C VAL A 507 -24.35 -17.57 24.23
N MET A 508 -23.62 -16.76 23.46
CA MET A 508 -23.58 -16.97 22.01
C MET A 508 -23.01 -18.33 21.67
N ARG A 509 -22.06 -18.79 22.48
CA ARG A 509 -21.51 -20.14 22.37
C ARG A 509 -22.51 -21.22 22.79
N GLU A 510 -23.44 -20.92 23.71
CA GLU A 510 -24.47 -21.89 24.08
C GLU A 510 -25.30 -22.36 22.89
N LEU A 511 -25.29 -21.61 21.78
CA LEU A 511 -26.08 -21.96 20.61
C LEU A 511 -25.46 -23.04 19.74
N ALA A 512 -24.21 -23.42 19.99
CA ALA A 512 -23.63 -24.54 19.27
C ALA A 512 -22.38 -25.02 19.99
N PRO A 513 -22.49 -25.53 21.21
CA PRO A 513 -21.27 -25.82 21.97
C PRO A 513 -20.34 -26.80 21.26
N GLU A 514 -20.86 -27.94 20.82
CA GLU A 514 -20.02 -28.92 20.13
C GLU A 514 -19.17 -28.24 19.06
N LEU A 515 -19.76 -27.34 18.30
CA LEU A 515 -19.07 -26.69 17.18
C LEU A 515 -17.96 -25.76 17.67
N PHE A 516 -18.30 -24.76 18.50
CA PHE A 516 -17.32 -23.79 18.96
C PHE A 516 -16.18 -24.44 19.72
N GLU A 517 -16.33 -25.69 20.17
CA GLU A 517 -15.17 -26.43 20.63
C GLU A 517 -14.20 -26.64 19.47
N SER A 518 -14.70 -27.10 18.33
CA SER A 518 -13.86 -27.30 17.16
C SER A 518 -13.35 -25.96 16.62
N GLN A 519 -14.20 -24.94 16.60
CA GLN A 519 -13.90 -23.66 15.98
C GLN A 519 -14.06 -22.53 16.99
N PRO A 520 -13.16 -22.45 17.98
CA PRO A 520 -13.38 -21.47 19.07
C PRO A 520 -13.48 -20.04 18.56
N ASP A 521 -12.57 -19.63 17.67
CA ASP A 521 -12.57 -18.25 17.19
C ASP A 521 -13.69 -18.01 16.17
N LEU A 522 -14.22 -19.07 15.57
CA LEU A 522 -15.34 -18.91 14.65
C LEU A 522 -16.50 -18.16 15.29
N LEU A 523 -16.57 -18.16 16.62
CA LEU A 523 -17.53 -17.34 17.33
C LEU A 523 -17.42 -15.88 16.88
N HIS A 524 -16.22 -15.33 16.91
CA HIS A 524 -15.99 -13.93 16.57
C HIS A 524 -16.05 -13.73 15.06
N GLN A 525 -15.52 -14.69 14.29
CA GLN A 525 -15.65 -14.61 12.83
C GLN A 525 -17.10 -14.53 12.38
N LEU A 526 -18.06 -14.81 13.26
CA LEU A 526 -19.47 -14.74 12.92
C LEU A 526 -20.06 -13.47 13.51
N VAL A 527 -20.58 -12.62 12.66
CA VAL A 527 -21.26 -11.42 13.13
C VAL A 527 -22.65 -11.79 13.61
N THR A 528 -23.14 -11.06 14.60
CA THR A 528 -24.45 -11.34 15.18
C THR A 528 -24.97 -10.06 15.85
N ILE A 529 -26.26 -9.79 15.67
CA ILE A 529 -26.92 -8.77 16.49
C ILE A 529 -27.88 -9.46 17.44
N MET A 530 -27.37 -9.88 18.59
CA MET A 530 -28.21 -10.54 19.58
C MET A 530 -28.92 -9.42 20.33
N ASN A 531 -30.23 -9.31 20.10
CA ASN A 531 -31.05 -8.36 20.81
C ASN A 531 -30.64 -8.27 22.29
N PRO A 532 -30.40 -7.07 22.83
CA PRO A 532 -29.93 -7.00 24.23
C PRO A 532 -30.88 -7.65 25.22
N ASN A 533 -32.18 -7.50 25.03
CA ASN A 533 -33.16 -8.11 25.91
C ASN A 533 -32.77 -9.54 26.23
N VAL A 534 -32.33 -10.28 25.22
CA VAL A 534 -31.88 -11.66 25.41
C VAL A 534 -30.68 -11.69 26.35
N LEU A 535 -29.67 -10.88 26.03
CA LEU A 535 -28.49 -10.79 26.89
C LEU A 535 -28.85 -10.31 28.28
N MET A 536 -29.90 -9.49 28.38
CA MET A 536 -30.34 -9.02 29.69
C MET A 536 -31.06 -10.15 30.42
N GLU A 537 -31.91 -10.89 29.72
CA GLU A 537 -32.61 -12.03 30.30
C GLU A 537 -31.71 -13.25 30.40
N HIS A 538 -30.42 -13.09 30.12
CA HIS A 538 -29.42 -14.10 30.43
C HIS A 538 -28.42 -13.61 31.47
N GLY A 539 -28.61 -12.40 31.99
CA GLY A 539 -27.83 -11.92 33.11
C GLY A 539 -26.73 -10.94 32.77
N VAL A 540 -26.75 -10.33 31.61
CA VAL A 540 -25.62 -9.55 31.10
C VAL A 540 -25.98 -8.07 31.21
N PRO A 541 -25.12 -7.24 31.81
CA PRO A 541 -25.38 -5.79 31.82
C PRO A 541 -25.39 -5.23 30.40
N VAL A 542 -26.43 -4.46 30.10
CA VAL A 542 -26.51 -3.75 28.82
C VAL A 542 -26.99 -2.34 29.09
N TYR A 543 -26.24 -1.38 28.57
CA TYR A 543 -26.59 0.03 28.59
C TYR A 543 -26.74 0.50 27.15
N ARG A 544 -27.01 1.79 26.96
CA ARG A 544 -27.24 2.29 25.61
C ARG A 544 -27.16 3.81 25.62
N THR A 545 -27.07 4.38 24.41
CA THR A 545 -27.22 5.82 24.24
C THR A 545 -27.58 6.12 22.80
N ASN A 546 -28.08 7.33 22.59
CA ASN A 546 -28.23 7.88 21.25
C ASN A 546 -27.10 8.88 21.03
N GLN A 547 -26.37 8.71 19.95
CA GLN A 547 -25.24 9.57 19.66
C GLN A 547 -25.70 10.68 18.73
N CYS A 548 -25.30 11.92 19.05
CA CYS A 548 -25.75 13.09 18.35
C CYS A 548 -24.57 13.89 17.82
N ALA A 549 -24.83 14.69 16.80
CA ALA A 549 -23.80 15.51 16.17
C ALA A 549 -23.00 16.27 17.21
N GLY A 550 -21.68 16.18 17.09
CA GLY A 550 -20.79 16.85 18.01
C GLY A 550 -20.54 16.12 19.28
N GLU A 551 -21.11 14.92 19.44
CA GLU A 551 -20.91 14.11 20.64
C GLU A 551 -19.84 13.06 20.35
N PHE A 552 -18.95 12.87 21.32
CA PHE A 552 -18.05 11.73 21.29
C PHE A 552 -18.69 10.50 21.93
N VAL A 553 -18.35 9.33 21.40
CA VAL A 553 -18.62 8.04 22.03
C VAL A 553 -17.29 7.39 22.30
N VAL A 554 -17.04 7.04 23.53
CA VAL A 554 -15.79 6.40 23.93
C VAL A 554 -16.10 4.98 24.35
N THR A 555 -15.28 4.04 23.90
CA THR A 555 -15.46 2.62 24.19
C THR A 555 -14.23 2.09 24.89
N PHE A 556 -14.45 1.18 25.83
CA PHE A 556 -13.40 0.72 26.70
C PHE A 556 -12.95 -0.70 26.37
N PRO A 557 -11.79 -1.10 26.86
CA PRO A 557 -11.25 -2.43 26.51
C PRO A 557 -12.20 -3.58 26.82
N ARG A 558 -12.32 -4.51 25.88
CA ARG A 558 -13.20 -5.67 26.00
C ARG A 558 -14.62 -5.25 26.35
N ALA A 559 -15.07 -4.16 25.74
CA ALA A 559 -16.45 -3.69 25.87
C ALA A 559 -17.17 -4.02 24.57
N TYR A 560 -17.80 -5.18 24.53
CA TYR A 560 -18.63 -5.52 23.38
C TYR A 560 -19.62 -4.39 23.13
N HIS A 561 -19.83 -4.05 21.86
CA HIS A 561 -20.73 -2.96 21.55
C HIS A 561 -21.33 -3.16 20.18
N SER A 562 -22.57 -2.69 20.01
CA SER A 562 -23.28 -2.80 18.76
C SER A 562 -24.17 -1.57 18.63
N GLY A 563 -24.82 -1.44 17.49
CA GLY A 563 -25.66 -0.27 17.29
C GLY A 563 -26.19 -0.19 15.88
N PHE A 564 -26.94 0.89 15.65
CA PHE A 564 -27.44 1.22 14.32
C PHE A 564 -27.56 2.74 14.27
N ASN A 565 -27.91 3.27 13.10
CA ASN A 565 -27.99 4.70 12.88
C ASN A 565 -29.43 5.12 12.64
N GLN A 566 -29.82 6.27 13.21
CA GLN A 566 -31.19 6.76 13.07
C GLN A 566 -31.44 7.32 11.67
N GLY A 567 -30.41 7.86 11.04
CA GLY A 567 -30.56 8.34 9.68
C GLY A 567 -29.22 8.65 9.02
N TYR A 568 -29.30 9.44 7.96
CA TYR A 568 -28.11 9.88 7.24
C TYR A 568 -27.17 10.64 8.16
N ASN A 569 -25.89 10.25 8.17
CA ASN A 569 -24.92 10.89 9.05
C ASN A 569 -23.52 10.57 8.55
N PHE A 570 -22.53 10.89 9.37
CA PHE A 570 -21.15 10.69 8.97
C PHE A 570 -20.32 10.67 10.23
N ALA A 571 -19.56 9.60 10.43
CA ALA A 571 -18.81 9.40 11.66
C ALA A 571 -17.34 9.15 11.35
N GLU A 572 -16.52 9.32 12.38
CA GLU A 572 -15.08 9.18 12.29
C GLU A 572 -14.61 8.53 13.58
N ALA A 573 -13.88 7.42 13.47
CA ALA A 573 -13.52 6.64 14.65
C ALA A 573 -12.04 6.30 14.64
N VAL A 574 -11.51 6.03 15.83
CA VAL A 574 -10.10 5.70 16.01
C VAL A 574 -9.94 4.79 17.22
N ASN A 575 -8.95 3.92 17.17
CA ASN A 575 -8.54 3.14 18.32
C ASN A 575 -7.39 3.85 19.02
N PHE A 576 -7.21 3.58 20.30
CA PHE A 576 -6.09 4.15 21.03
C PHE A 576 -5.85 3.33 22.28
N CYS A 577 -4.68 3.57 22.89
CA CYS A 577 -4.18 2.69 23.94
C CYS A 577 -3.48 3.50 25.01
N THR A 578 -3.70 3.12 26.26
CA THR A 578 -3.25 3.88 27.41
C THR A 578 -2.48 2.96 28.34
N ALA A 579 -1.83 3.55 29.34
CA ALA A 579 -1.08 2.76 30.32
C ALA A 579 -1.91 1.61 30.87
N ASP A 580 -3.16 1.88 31.28
CA ASP A 580 -4.00 0.85 31.86
C ASP A 580 -4.25 -0.28 30.89
N TRP A 581 -4.11 -0.03 29.59
CA TRP A 581 -4.38 -1.07 28.60
C TRP A 581 -3.27 -2.10 28.51
N LEU A 582 -2.02 -1.73 28.83
CA LEU A 582 -0.86 -2.59 28.64
C LEU A 582 -1.12 -3.99 29.16
N PRO A 583 -1.44 -4.16 30.45
CA PRO A 583 -1.62 -5.52 30.97
C PRO A 583 -2.77 -6.25 30.30
N ILE A 584 -3.74 -5.52 29.77
CA ILE A 584 -4.84 -6.18 29.07
C ILE A 584 -4.36 -6.71 27.72
N GLY A 585 -3.65 -5.89 26.96
CA GLY A 585 -3.08 -6.38 25.71
C GLY A 585 -2.30 -7.66 25.90
N ARG A 586 -1.46 -7.71 26.92
CA ARG A 586 -0.78 -8.94 27.27
C ARG A 586 -1.76 -10.10 27.45
N GLN A 587 -2.87 -9.85 28.16
CA GLN A 587 -3.88 -10.89 28.33
C GLN A 587 -4.58 -11.20 27.00
N CYS A 588 -4.70 -10.22 26.12
CA CYS A 588 -5.39 -10.45 24.86
C CYS A 588 -4.60 -11.38 23.96
N VAL A 589 -3.28 -11.20 23.89
CA VAL A 589 -2.44 -12.12 23.13
C VAL A 589 -2.62 -13.54 23.65
N ASN A 590 -2.49 -13.70 24.97
CA ASN A 590 -2.66 -15.01 25.58
C ASN A 590 -3.98 -15.63 25.19
N HIS A 591 -5.00 -14.79 25.01
CA HIS A 591 -6.28 -15.27 24.52
C HIS A 591 -6.30 -15.42 23.00
N TYR A 592 -5.53 -14.59 22.29
CA TYR A 592 -5.35 -14.81 20.85
C TYR A 592 -4.49 -16.03 20.57
N ARG A 593 -3.56 -16.34 21.49
CA ARG A 593 -2.74 -17.53 21.34
C ARG A 593 -3.55 -18.79 21.62
N ARG A 594 -4.38 -18.76 22.67
CA ARG A 594 -5.27 -19.88 22.95
C ARG A 594 -6.37 -20.02 21.89
N LEU A 595 -6.51 -19.04 21.00
CA LEU A 595 -7.19 -19.20 19.74
C LEU A 595 -6.15 -19.36 18.63
N ARG A 596 -6.62 -19.32 17.38
CA ARG A 596 -5.76 -19.38 16.20
C ARG A 596 -5.74 -18.02 15.52
N ARG A 597 -5.76 -16.95 16.30
CA ARG A 597 -5.99 -15.60 15.80
C ARG A 597 -4.67 -14.85 15.59
N HIS A 598 -4.52 -14.28 14.40
CA HIS A 598 -3.36 -13.47 14.08
C HIS A 598 -3.34 -12.19 14.91
N CYS A 599 -2.14 -11.74 15.24
CA CYS A 599 -1.94 -10.51 16.00
C CYS A 599 -1.50 -9.41 15.05
N VAL A 600 -2.13 -8.23 15.17
CA VAL A 600 -1.79 -7.13 14.27
C VAL A 600 -0.48 -6.46 14.64
N PHE A 601 0.09 -6.81 15.79
CA PHE A 601 1.41 -6.34 16.17
C PHE A 601 1.85 -7.13 17.40
N SER A 602 3.12 -6.96 17.77
CA SER A 602 3.71 -7.70 18.87
C SER A 602 3.66 -6.83 20.12
N HIS A 603 2.84 -7.24 21.08
CA HIS A 603 2.78 -6.54 22.36
C HIS A 603 4.17 -6.41 22.96
N GLU A 604 4.88 -7.54 23.05
CA GLU A 604 6.21 -7.55 23.66
C GLU A 604 7.16 -6.61 22.91
N GLU A 605 7.15 -6.67 21.58
CA GLU A 605 7.96 -5.75 20.78
C GLU A 605 7.67 -4.31 21.18
N LEU A 606 6.37 -3.98 21.32
CA LEU A 606 5.96 -2.62 21.61
C LEU A 606 6.61 -2.12 22.89
N ILE A 607 6.52 -2.91 23.96
CA ILE A 607 6.98 -2.46 25.26
C ILE A 607 8.45 -2.08 25.22
N PHE A 608 9.28 -2.87 24.54
CA PHE A 608 10.70 -2.56 24.50
C PHE A 608 10.97 -1.30 23.69
N LYS A 609 10.24 -1.10 22.59
CA LYS A 609 10.35 0.18 21.89
C LYS A 609 10.04 1.35 22.81
N MET A 610 9.12 1.16 23.76
CA MET A 610 8.85 2.19 24.76
C MET A 610 9.98 2.28 25.77
N ALA A 611 10.54 1.13 26.16
CA ALA A 611 11.66 1.12 27.09
C ALA A 611 12.94 1.73 26.50
N ALA A 612 13.06 1.77 25.18
CA ALA A 612 14.25 2.28 24.52
C ALA A 612 14.27 3.80 24.36
N ASP A 613 13.29 4.50 24.93
CA ASP A 613 13.35 5.95 25.01
C ASP A 613 12.64 6.40 26.29
N PRO A 614 13.18 6.04 27.46
CA PRO A 614 12.45 6.34 28.71
C PRO A 614 12.19 7.82 28.94
N GLU A 615 13.11 8.70 28.54
CA GLU A 615 12.79 10.11 28.57
C GLU A 615 11.63 10.39 27.62
N CYS A 616 11.11 11.62 27.68
CA CYS A 616 9.95 12.03 26.87
C CYS A 616 8.85 10.96 26.92
N LEU A 617 8.77 10.23 28.01
CA LEU A 617 7.81 9.15 28.18
C LEU A 617 7.02 9.40 29.45
N ASP A 618 5.70 9.52 29.32
CA ASP A 618 4.85 9.76 30.48
C ASP A 618 5.18 8.77 31.59
N VAL A 619 5.15 9.26 32.83
CA VAL A 619 5.62 8.47 33.97
C VAL A 619 4.73 7.26 34.21
N GLY A 620 3.42 7.46 34.16
CA GLY A 620 2.49 6.38 34.46
C GLY A 620 2.78 5.14 33.63
N LEU A 621 3.16 5.34 32.37
CA LEU A 621 3.57 4.23 31.53
C LEU A 621 4.78 3.53 32.13
N ALA A 622 5.86 4.28 32.35
CA ALA A 622 7.08 3.73 32.93
C ALA A 622 6.77 2.81 34.11
N ALA A 623 6.10 3.35 35.13
CA ALA A 623 5.77 2.54 36.31
C ALA A 623 5.03 1.27 35.91
N MET A 624 4.04 1.40 35.03
CA MET A 624 3.28 0.24 34.59
C MET A 624 4.14 -0.70 33.76
N VAL A 625 4.93 -0.15 32.84
CA VAL A 625 5.84 -0.97 32.03
C VAL A 625 6.68 -1.86 32.93
N CYS A 626 7.43 -1.26 33.86
CA CYS A 626 8.26 -2.03 34.78
C CYS A 626 7.46 -3.16 35.43
N LYS A 627 6.35 -2.82 36.07
CA LYS A 627 5.50 -3.83 36.68
C LYS A 627 5.06 -4.88 35.65
N GLU A 628 4.93 -4.47 34.39
CA GLU A 628 4.56 -5.40 33.32
C GLU A 628 5.76 -6.13 32.76
N LEU A 629 6.92 -5.48 32.71
CA LEU A 629 8.09 -6.05 32.03
C LEU A 629 8.74 -7.15 32.86
N THR A 630 8.86 -6.96 34.18
CA THR A 630 9.40 -8.02 35.02
C THR A 630 8.56 -9.27 34.91
N LEU A 631 7.23 -9.12 34.89
CA LEU A 631 6.35 -10.27 34.71
C LEU A 631 6.66 -11.01 33.42
N MET A 632 7.17 -10.31 32.41
CA MET A 632 7.52 -10.94 31.15
C MET A 632 8.89 -11.61 31.22
N THR A 633 9.88 -10.89 31.76
CA THR A 633 11.21 -11.48 31.92
C THR A 633 11.12 -12.82 32.66
N GLU A 634 10.40 -12.85 33.78
CA GLU A 634 10.23 -14.10 34.50
C GLU A 634 9.59 -15.16 33.60
N GLU A 635 8.43 -14.83 33.01
CA GLU A 635 7.74 -15.78 32.15
C GLU A 635 8.62 -16.21 30.98
N GLU A 636 9.43 -15.29 30.47
CA GLU A 636 10.32 -15.64 29.36
C GLU A 636 11.48 -16.50 29.85
N THR A 637 12.15 -16.08 30.93
CA THR A 637 13.24 -16.89 31.48
C THR A 637 12.75 -18.28 31.84
N ARG A 638 11.56 -18.38 32.44
CA ARG A 638 10.92 -19.67 32.65
C ARG A 638 10.83 -20.47 31.36
N LEU A 639 10.43 -19.81 30.27
CA LEU A 639 10.36 -20.48 28.97
C LEU A 639 11.74 -20.75 28.39
N ARG A 640 12.72 -19.90 28.70
CA ARG A 640 14.07 -20.10 28.19
C ARG A 640 14.74 -21.32 28.83
N GLU A 641 14.39 -21.65 30.06
CA GLU A 641 14.95 -22.82 30.73
C GLU A 641 14.16 -24.07 30.46
N SER A 642 12.84 -23.96 30.26
CA SER A 642 11.99 -25.11 30.01
C SER A 642 12.33 -25.82 28.71
N VAL A 643 13.04 -25.15 27.79
CA VAL A 643 13.25 -25.70 26.44
C VAL A 643 14.58 -26.41 26.35
N VAL A 644 15.56 -25.99 27.16
CA VAL A 644 16.89 -26.59 27.07
C VAL A 644 16.85 -28.01 27.62
N GLN A 645 16.07 -28.23 28.69
CA GLN A 645 15.82 -29.60 29.15
C GLN A 645 15.28 -30.47 28.02
N MET A 646 14.50 -29.89 27.10
CA MET A 646 13.98 -30.61 25.96
C MET A 646 15.08 -30.97 24.94
N GLY A 647 16.28 -30.43 25.10
CA GLY A 647 17.43 -30.97 24.40
C GLY A 647 17.97 -30.14 23.23
N VAL A 648 17.89 -28.82 23.33
CA VAL A 648 18.40 -27.94 22.28
C VAL A 648 19.76 -27.41 22.69
N LEU A 649 20.59 -27.07 21.70
CA LEU A 649 21.99 -26.75 21.98
C LEU A 649 22.41 -25.43 21.36
N MET A 650 21.86 -25.10 20.19
CA MET A 650 22.27 -23.90 19.48
C MET A 650 21.36 -22.71 19.84
N SER A 651 21.91 -21.50 19.67
CA SER A 651 21.14 -20.27 19.89
C SER A 651 21.64 -19.21 18.91
N GLU A 652 20.96 -19.10 17.77
CA GLU A 652 21.19 -17.95 16.90
C GLU A 652 20.49 -16.73 17.47
N GLU A 653 21.01 -15.56 17.11
CA GLU A 653 20.45 -14.28 17.51
C GLU A 653 19.87 -13.62 16.27
N GLU A 654 18.59 -13.27 16.33
CA GLU A 654 17.86 -12.72 15.19
C GLU A 654 17.13 -11.46 15.62
N VAL A 655 16.82 -10.62 14.64
CA VAL A 655 16.16 -9.33 14.86
C VAL A 655 14.80 -9.39 14.19
N PHE A 656 13.74 -9.53 14.99
CA PHE A 656 12.42 -9.81 14.42
C PHE A 656 11.74 -8.54 13.91
N GLU A 657 11.91 -7.42 14.61
CA GLU A 657 11.19 -6.20 14.25
C GLU A 657 11.39 -5.81 12.79
N LEU A 658 12.43 -6.34 12.14
CA LEU A 658 12.73 -6.03 10.74
C LEU A 658 12.29 -7.14 9.78
N VAL A 659 11.65 -8.19 10.27
CA VAL A 659 11.12 -9.23 9.41
C VAL A 659 9.61 -9.03 9.36
N PRO A 660 8.94 -9.37 8.26
CA PRO A 660 7.49 -9.21 8.21
C PRO A 660 6.78 -10.15 9.18
N ASP A 661 5.66 -9.68 9.73
CA ASP A 661 4.91 -10.49 10.70
C ASP A 661 4.67 -11.91 10.18
N ASP A 662 4.19 -12.03 8.94
CA ASP A 662 3.82 -13.33 8.38
C ASP A 662 4.99 -14.33 8.37
N GLU A 663 6.24 -13.86 8.56
CA GLU A 663 7.39 -14.75 8.62
C GLU A 663 7.85 -15.05 10.05
N ARG A 664 7.42 -14.25 11.03
CA ARG A 664 7.82 -14.47 12.42
C ARG A 664 6.67 -15.00 13.26
N GLN A 665 5.65 -15.56 12.63
CA GLN A 665 4.53 -16.16 13.36
C GLN A 665 4.80 -17.64 13.62
N CYS A 666 4.28 -18.11 14.75
CA CYS A 666 4.32 -19.52 15.09
C CYS A 666 3.49 -20.33 14.09
N SER A 667 3.90 -21.58 13.86
CA SER A 667 3.16 -22.42 12.93
C SER A 667 1.72 -22.61 13.40
N ALA A 668 1.54 -23.02 14.66
CA ALA A 668 0.22 -23.15 15.26
C ALA A 668 0.23 -22.41 16.61
N CYS A 669 0.09 -21.09 16.56
CA CYS A 669 -0.32 -20.36 17.75
C CYS A 669 -1.53 -19.46 17.55
N ARG A 670 -1.48 -18.53 16.60
CA ARG A 670 -0.31 -18.20 15.74
C ARG A 670 0.26 -16.82 16.05
N THR A 671 1.10 -16.74 17.07
CA THR A 671 1.48 -15.48 17.67
C THR A 671 2.64 -14.88 16.89
N THR A 672 2.66 -13.56 16.80
CA THR A 672 3.83 -12.87 16.28
C THR A 672 4.93 -12.96 17.32
N CYS A 673 6.00 -13.70 16.98
CA CYS A 673 7.14 -13.93 17.86
C CYS A 673 8.15 -12.80 17.74
N PHE A 674 8.60 -12.29 18.87
CA PHE A 674 9.63 -11.27 18.91
C PHE A 674 10.74 -11.57 19.90
N LEU A 675 10.41 -12.10 21.08
CA LEU A 675 11.41 -12.31 22.11
C LEU A 675 12.23 -13.56 21.86
N SER A 676 11.56 -14.64 21.46
CA SER A 676 12.21 -15.94 21.38
C SER A 676 11.31 -16.87 20.58
N ALA A 677 11.93 -17.67 19.74
CA ALA A 677 11.21 -18.69 18.99
C ALA A 677 12.13 -19.89 18.80
N LEU A 678 11.61 -20.94 18.19
CA LEU A 678 12.38 -22.16 17.97
C LEU A 678 12.32 -22.51 16.49
N THR A 679 13.50 -22.63 15.88
CA THR A 679 13.65 -23.00 14.48
C THR A 679 14.61 -24.17 14.37
N CYS A 680 14.26 -25.13 13.53
CA CYS A 680 15.15 -26.23 13.20
C CYS A 680 15.55 -26.13 11.73
N SER A 681 16.34 -27.10 11.27
CA SER A 681 16.73 -27.20 9.87
C SER A 681 15.69 -27.97 9.04
N CYS A 682 14.64 -28.50 9.67
CA CYS A 682 13.58 -29.19 8.96
C CYS A 682 13.04 -28.34 7.80
N ASN A 683 12.81 -27.05 8.04
CA ASN A 683 12.41 -26.11 7.01
C ASN A 683 13.22 -24.84 7.13
N PRO A 684 13.35 -24.06 6.04
CA PRO A 684 14.14 -22.82 6.12
C PRO A 684 13.54 -21.79 7.05
N GLU A 685 12.27 -21.46 6.85
CA GLU A 685 11.55 -20.47 7.66
C GLU A 685 10.19 -21.06 8.00
N ARG A 686 10.14 -21.80 9.10
CA ARG A 686 8.89 -22.29 9.66
C ARG A 686 9.06 -22.32 11.16
N LEU A 687 8.30 -21.48 11.85
CA LEU A 687 8.58 -21.14 13.22
C LEU A 687 7.45 -21.60 14.12
N VAL A 688 7.72 -21.55 15.43
CA VAL A 688 6.74 -21.93 16.44
C VAL A 688 7.00 -21.09 17.69
N CYS A 689 5.93 -20.75 18.42
CA CYS A 689 6.06 -20.02 19.68
C CYS A 689 6.71 -20.92 20.73
N LEU A 690 7.31 -20.30 21.74
CA LEU A 690 7.90 -21.10 22.80
C LEU A 690 6.86 -21.75 23.70
N TYR A 691 5.59 -21.40 23.54
CA TYR A 691 4.52 -22.11 24.25
C TYR A 691 4.13 -23.41 23.54
N HIS A 692 4.47 -23.55 22.26
CA HIS A 692 4.20 -24.77 21.50
C HIS A 692 5.49 -25.25 20.82
N PRO A 693 6.57 -25.45 21.59
CA PRO A 693 7.85 -25.81 20.96
C PRO A 693 7.87 -27.19 20.32
N THR A 694 6.86 -28.03 20.55
CA THR A 694 6.86 -29.39 20.03
C THR A 694 6.29 -29.47 18.62
N ASP A 695 5.33 -28.61 18.30
CA ASP A 695 4.60 -28.67 17.04
C ASP A 695 5.40 -28.18 15.84
N LEU A 696 6.67 -27.81 16.04
CA LEU A 696 7.47 -27.33 14.92
C LEU A 696 7.60 -28.41 13.86
N CYS A 697 8.26 -29.51 14.22
CA CYS A 697 8.55 -30.57 13.27
C CYS A 697 9.07 -31.79 14.03
N PRO A 698 8.69 -33.03 13.63
CA PRO A 698 9.13 -34.21 14.39
C PRO A 698 10.64 -34.34 14.57
N CYS A 699 11.41 -33.62 13.75
CA CYS A 699 12.85 -33.56 13.92
C CYS A 699 13.16 -33.30 15.39
N PRO A 700 13.89 -34.18 16.06
CA PRO A 700 13.98 -34.11 17.52
C PRO A 700 14.72 -32.86 18.00
N MET A 701 14.36 -32.42 19.21
CA MET A 701 14.97 -31.26 19.81
C MET A 701 16.48 -31.37 19.92
N GLN A 702 17.05 -32.56 19.67
CA GLN A 702 18.50 -32.75 19.67
C GLN A 702 19.17 -31.62 18.89
N LYS A 703 18.57 -31.23 17.76
CA LYS A 703 19.11 -30.21 16.91
C LYS A 703 18.69 -28.82 17.39
N LYS A 704 19.11 -27.80 16.65
CA LYS A 704 18.77 -26.41 16.95
C LYS A 704 17.28 -26.17 16.65
N CYS A 705 16.81 -24.92 16.76
CA CYS A 705 17.55 -23.72 17.17
C CYS A 705 16.65 -22.80 17.98
N LEU A 706 17.20 -22.19 19.04
CA LEU A 706 16.49 -21.15 19.79
C LEU A 706 16.97 -19.80 19.26
N ARG A 707 16.31 -19.33 18.21
CA ARG A 707 16.58 -17.99 17.69
C ARG A 707 16.04 -16.98 18.68
N TYR A 708 16.95 -16.32 19.41
CA TYR A 708 16.57 -15.37 20.45
C TYR A 708 16.83 -13.95 19.97
N ARG A 709 16.46 -12.98 20.80
CA ARG A 709 16.70 -11.56 20.52
C ARG A 709 17.65 -10.92 21.52
N TYR A 710 17.44 -11.13 22.82
CA TYR A 710 18.30 -10.54 23.83
C TYR A 710 18.81 -11.64 24.76
N PRO A 711 20.12 -11.68 25.07
CA PRO A 711 20.69 -12.78 25.84
C PRO A 711 20.64 -12.58 27.34
N LEU A 712 19.48 -12.16 27.84
CA LEU A 712 19.29 -11.96 29.28
C LEU A 712 20.36 -11.06 29.90
N GLU A 713 20.97 -10.18 29.10
CA GLU A 713 21.63 -8.99 29.61
C GLU A 713 20.70 -7.78 29.54
N ASP A 714 19.44 -8.01 29.15
CA ASP A 714 18.44 -6.95 29.04
C ASP A 714 17.86 -6.57 30.39
N LEU A 715 17.61 -7.58 31.23
CA LEU A 715 17.07 -7.34 32.58
C LEU A 715 17.70 -6.14 33.27
N PRO A 716 19.03 -6.00 33.35
CA PRO A 716 19.60 -4.80 33.97
C PRO A 716 19.38 -3.54 33.16
N SER A 717 19.76 -3.59 31.88
CA SER A 717 19.85 -2.38 31.06
C SER A 717 18.50 -1.66 30.99
N LEU A 718 17.51 -2.29 30.39
CA LEU A 718 16.30 -1.58 30.00
C LEU A 718 15.41 -1.27 31.19
N LEU A 719 15.26 -2.21 32.12
CA LEU A 719 14.57 -1.91 33.38
C LEU A 719 15.19 -0.72 34.10
N TYR A 720 16.47 -0.43 33.85
CA TYR A 720 17.12 0.72 34.48
C TYR A 720 16.56 2.02 33.91
N GLY A 721 16.69 2.22 32.60
CA GLY A 721 16.23 3.44 31.98
C GLY A 721 14.81 3.81 32.37
N VAL A 722 13.96 2.81 32.60
CA VAL A 722 12.56 3.04 32.90
C VAL A 722 12.32 3.11 34.41
N LYS A 723 12.94 2.22 35.19
CA LYS A 723 12.91 2.40 36.63
C LYS A 723 13.48 3.75 37.05
N VAL A 724 14.33 4.34 36.22
CA VAL A 724 14.87 5.66 36.54
C VAL A 724 13.76 6.71 36.53
N ARG A 725 13.16 6.94 35.35
CA ARG A 725 12.08 7.91 35.24
C ARG A 725 10.85 7.45 36.01
N ALA A 726 10.80 6.18 36.41
CA ALA A 726 9.71 5.68 37.25
C ALA A 726 9.94 5.98 38.72
N GLN A 727 11.19 5.99 39.16
CA GLN A 727 11.54 6.37 40.53
C GLN A 727 12.18 7.75 40.62
N SER A 728 12.45 8.40 39.49
CA SER A 728 12.86 9.81 39.51
C SER A 728 11.68 10.73 39.79
N TYR A 729 10.48 10.32 39.38
CA TYR A 729 9.26 11.06 39.70
C TYR A 729 8.69 10.68 41.06
N ASP A 730 8.92 9.44 41.50
CA ASP A 730 8.53 9.05 42.86
C ASP A 730 9.32 9.83 43.90
N THR A 731 10.61 10.06 43.64
CA THR A 731 11.45 10.83 44.56
C THR A 731 11.21 12.32 44.42
N TRP A 732 11.00 12.80 43.19
CA TRP A 732 10.85 14.23 42.94
C TRP A 732 9.74 14.83 43.81
N VAL A 733 8.67 14.08 44.06
CA VAL A 733 7.53 14.62 44.79
C VAL A 733 7.84 14.72 46.29
N SER A 734 8.39 13.65 46.86
CA SER A 734 8.68 13.61 48.29
C SER A 734 9.68 14.70 48.67
N VAL A 755 14.09 25.17 41.57
CA VAL A 755 14.78 24.25 40.68
C VAL A 755 13.97 22.97 40.50
N MET A 756 13.20 22.61 41.54
CA MET A 756 12.34 21.44 41.45
C MET A 756 11.26 21.64 40.39
N LEU A 757 10.71 22.86 40.31
CA LEU A 757 9.79 23.21 39.23
C LEU A 757 10.49 23.33 37.89
N GLU A 758 11.83 23.31 37.86
CA GLU A 758 12.58 23.31 36.62
C GLU A 758 12.80 21.88 36.10
N ASP A 759 13.22 20.97 36.98
CA ASP A 759 13.41 19.58 36.57
C ASP A 759 12.12 18.99 36.00
N ALA A 760 10.97 19.42 36.51
CA ALA A 760 9.69 18.97 35.96
C ALA A 760 9.40 19.61 34.61
N GLU A 761 10.03 20.73 34.28
CA GLU A 761 9.91 21.32 32.96
C GLU A 761 10.79 20.60 31.94
N ASP A 762 12.05 20.35 32.32
CA ASP A 762 12.97 19.65 31.42
C ASP A 762 12.61 18.18 31.29
N ARG A 763 12.23 17.54 32.40
CA ARG A 763 11.88 16.12 32.38
C ARG A 763 10.45 15.88 31.90
N LYS A 764 9.68 16.94 31.62
CA LYS A 764 8.36 16.82 31.01
C LYS A 764 7.37 16.05 31.91
N TYR A 765 7.20 16.60 33.13
CA TYR A 765 6.33 15.99 34.13
C TYR A 765 4.91 16.55 34.05
N PRO A 766 3.93 15.86 34.62
CA PRO A 766 2.56 16.37 34.64
C PRO A 766 2.37 17.44 35.72
N GLU A 767 1.37 18.30 35.48
CA GLU A 767 1.22 19.54 36.24
C GLU A 767 -0.24 19.82 36.57
N ASN A 768 -1.00 18.80 37.00
CA ASN A 768 -2.42 19.00 37.25
C ASN A 768 -2.67 19.59 38.64
N ASP A 769 -2.32 18.84 39.68
CA ASP A 769 -2.51 19.27 41.07
C ASP A 769 -1.21 19.68 41.74
N LEU A 770 -0.07 19.22 41.22
CA LEU A 770 1.22 19.39 41.87
C LEU A 770 1.92 20.67 41.43
N PHE A 771 1.67 21.11 40.18
CA PHE A 771 2.10 22.42 39.74
C PHE A 771 1.21 23.54 40.26
N ARG A 772 -0.05 23.23 40.58
CA ARG A 772 -0.95 24.24 41.14
C ARG A 772 -0.33 24.90 42.38
N LYS A 773 0.28 24.10 43.25
CA LYS A 773 0.96 24.64 44.43
C LYS A 773 2.19 25.46 44.06
N LEU A 774 2.69 25.31 42.82
CA LEU A 774 3.81 26.14 42.36
C LEU A 774 3.39 27.61 42.26
N ARG A 775 2.41 27.90 41.41
CA ARG A 775 1.90 29.26 41.25
C ARG A 775 0.73 29.49 42.21
N GLU B 2 34.52 26.86 -20.31
CA GLU B 2 34.92 25.63 -21.00
C GLU B 2 33.69 24.91 -21.56
N PHE B 3 32.56 25.03 -20.85
CA PHE B 3 31.35 24.31 -21.22
C PHE B 3 30.57 25.04 -22.32
N VAL B 4 29.94 24.26 -23.19
CA VAL B 4 29.44 24.72 -24.47
C VAL B 4 27.92 24.52 -24.49
N PRO B 5 27.14 25.56 -24.27
CA PRO B 5 25.67 25.43 -24.24
C PRO B 5 25.14 24.82 -25.51
N PRO B 6 24.30 23.78 -25.42
CA PRO B 6 23.67 23.23 -26.63
C PRO B 6 22.58 24.14 -27.17
N PRO B 7 22.07 23.86 -28.37
CA PRO B 7 21.01 24.72 -28.93
C PRO B 7 19.68 24.55 -28.20
N GLU B 8 19.03 25.68 -27.95
CA GLU B 8 17.80 25.65 -27.18
C GLU B 8 16.72 24.87 -27.94
N CYS B 9 15.77 24.33 -27.18
CA CYS B 9 14.68 23.56 -27.75
C CYS B 9 13.48 24.46 -28.00
N PRO B 10 12.55 24.04 -28.84
CA PRO B 10 11.49 24.93 -29.29
C PRO B 10 10.39 25.10 -28.25
N VAL B 11 9.74 26.26 -28.28
CA VAL B 11 8.69 26.63 -27.34
C VAL B 11 7.37 26.77 -28.11
N PHE B 12 6.27 26.82 -27.36
CA PHE B 12 4.95 27.04 -27.94
C PHE B 12 4.13 27.93 -27.03
N GLU B 13 3.63 29.03 -27.57
CA GLU B 13 2.77 29.93 -26.81
C GLU B 13 1.37 29.81 -27.38
N PRO B 14 0.65 28.73 -27.07
CA PRO B 14 -0.63 28.46 -27.73
C PRO B 14 -1.74 29.41 -27.28
N SER B 15 -2.62 29.72 -28.23
CA SER B 15 -3.81 30.50 -27.94
C SER B 15 -4.70 29.76 -26.95
N TRP B 16 -5.69 30.47 -26.42
CA TRP B 16 -6.63 29.82 -25.52
C TRP B 16 -7.43 28.72 -26.22
N GLU B 17 -7.70 28.88 -27.52
CA GLU B 17 -8.47 27.88 -28.24
C GLU B 17 -7.66 26.61 -28.49
N GLU B 18 -6.34 26.74 -28.71
CA GLU B 18 -5.48 25.56 -28.83
C GLU B 18 -5.24 24.92 -27.47
N PHE B 19 -5.14 25.72 -26.41
CA PHE B 19 -4.83 25.31 -25.05
C PHE B 19 -5.94 24.43 -24.46
N THR B 20 -7.07 24.26 -25.13
CA THR B 20 -8.21 23.62 -24.50
C THR B 20 -8.11 22.10 -24.56
N ASP B 21 -7.57 21.55 -25.64
CA ASP B 21 -7.35 20.10 -25.78
C ASP B 21 -5.86 19.84 -25.86
N PRO B 22 -5.20 19.44 -24.77
CA PRO B 22 -3.74 19.27 -24.82
C PRO B 22 -3.28 18.19 -25.78
N LEU B 23 -3.81 16.99 -25.63
CA LEU B 23 -3.32 15.86 -26.43
C LEU B 23 -3.55 16.08 -27.92
N SER B 24 -4.53 16.92 -28.29
CA SER B 24 -4.66 17.36 -29.68
C SER B 24 -3.58 18.37 -30.03
N PHE B 25 -3.36 19.34 -29.13
CA PHE B 25 -2.31 20.32 -29.34
C PHE B 25 -0.94 19.65 -29.38
N ILE B 26 -0.71 18.69 -28.49
CA ILE B 26 0.55 17.96 -28.47
C ILE B 26 0.70 17.10 -29.73
N GLY B 27 -0.40 16.62 -30.29
CA GLY B 27 -0.31 15.91 -31.55
C GLY B 27 0.10 16.82 -32.68
N ARG B 28 -0.41 18.05 -32.68
CA ARG B 28 -0.01 19.01 -33.70
C ARG B 28 1.51 19.18 -33.71
N ILE B 29 2.11 19.33 -32.54
CA ILE B 29 3.52 19.66 -32.43
C ILE B 29 4.38 18.41 -32.33
N ARG B 30 3.77 17.23 -32.53
CA ARG B 30 4.56 16.00 -32.46
C ARG B 30 5.57 15.93 -33.61
N PRO B 31 5.17 16.08 -34.88
CA PRO B 31 6.15 15.91 -35.97
C PRO B 31 7.31 16.86 -35.84
N LEU B 32 7.16 17.91 -35.05
CA LEU B 32 8.12 18.97 -34.94
C LEU B 32 8.98 18.84 -33.69
N ALA B 33 8.36 18.54 -32.54
CA ALA B 33 9.11 18.40 -31.30
C ALA B 33 9.73 17.02 -31.18
N GLU B 34 9.11 16.02 -31.82
CA GLU B 34 9.68 14.69 -31.86
C GLU B 34 11.18 14.72 -32.17
N LYS B 35 11.62 15.68 -32.99
CA LYS B 35 13.00 15.76 -33.45
C LYS B 35 13.93 16.45 -32.48
N THR B 36 13.40 17.07 -31.44
CA THR B 36 14.23 17.55 -30.34
C THR B 36 14.07 16.68 -29.10
N GLY B 37 13.14 15.73 -29.12
CA GLY B 37 12.85 14.89 -27.96
C GLY B 37 12.00 15.57 -26.94
N ILE B 38 12.35 16.80 -26.58
CA ILE B 38 11.64 17.59 -25.58
C ILE B 38 11.12 18.86 -26.23
N CYS B 39 10.16 19.48 -25.57
CA CYS B 39 9.67 20.77 -26.01
C CYS B 39 9.01 21.47 -24.82
N LYS B 40 9.19 22.78 -24.76
CA LYS B 40 8.65 23.63 -23.71
C LYS B 40 7.35 24.25 -24.18
N ILE B 41 6.47 24.57 -23.23
CA ILE B 41 5.11 25.03 -23.56
C ILE B 41 4.71 26.13 -22.59
N ARG B 42 4.47 27.34 -23.10
CA ARG B 42 4.09 28.46 -22.26
C ARG B 42 2.59 28.66 -22.30
N PRO B 43 1.87 28.51 -21.20
CA PRO B 43 0.43 28.77 -21.23
C PRO B 43 0.17 30.26 -21.24
N PRO B 44 -1.04 30.69 -21.57
CA PRO B 44 -1.39 32.12 -21.47
C PRO B 44 -1.01 32.67 -20.10
N LYS B 45 -0.62 33.95 -20.08
CA LYS B 45 -0.23 34.55 -18.81
C LYS B 45 -1.41 34.65 -17.85
N ASP B 46 -2.63 34.69 -18.39
CA ASP B 46 -3.82 34.69 -17.54
C ASP B 46 -3.93 33.39 -16.73
N TRP B 47 -3.36 32.30 -17.24
CA TRP B 47 -3.41 30.99 -16.61
C TRP B 47 -2.48 30.97 -15.40
N GLN B 48 -3.04 31.09 -14.20
CA GLN B 48 -2.25 31.11 -12.96
C GLN B 48 -3.02 30.33 -11.91
N PRO B 49 -2.83 29.01 -11.87
CA PRO B 49 -3.53 28.22 -10.86
C PRO B 49 -2.90 28.43 -9.49
N PRO B 50 -3.69 28.38 -8.43
CA PRO B 50 -3.11 28.54 -7.09
C PRO B 50 -2.42 27.26 -6.64
N PHE B 51 -1.40 27.44 -5.82
CA PHE B 51 -0.75 26.29 -5.18
C PHE B 51 -1.65 25.79 -4.06
N ALA B 52 -2.02 24.51 -4.12
CA ALA B 52 -2.96 23.96 -3.15
C ALA B 52 -2.30 23.60 -1.82
N CYS B 53 -0.98 23.52 -1.78
CA CYS B 53 -0.27 22.99 -0.62
C CYS B 53 0.21 24.12 0.31
N GLU B 54 0.44 23.74 1.59
CA GLU B 54 0.93 24.65 2.63
C GLU B 54 2.40 24.37 2.82
N VAL B 55 3.25 25.20 2.21
CA VAL B 55 4.70 25.09 2.37
C VAL B 55 5.08 24.98 3.83
N LYS B 56 4.46 25.76 4.70
CA LYS B 56 4.93 25.83 6.07
C LYS B 56 4.75 24.50 6.79
N SER B 57 3.75 23.69 6.40
CA SER B 57 3.54 22.36 6.97
C SER B 57 3.50 21.36 5.81
N PHE B 58 4.68 20.99 5.32
CA PHE B 58 4.83 20.02 4.25
C PHE B 58 6.18 19.37 4.47
N ARG B 59 6.17 18.20 5.11
CA ARG B 59 7.40 17.50 5.41
C ARG B 59 7.73 16.55 4.27
N PHE B 60 9.02 16.41 3.97
CA PHE B 60 9.47 15.36 3.08
C PHE B 60 10.85 14.91 3.53
N THR B 61 11.22 13.71 3.09
CA THR B 61 12.53 13.17 3.41
C THR B 61 13.51 13.58 2.31
N PRO B 62 14.64 14.18 2.63
CA PRO B 62 15.56 14.64 1.59
C PRO B 62 16.59 13.58 1.21
N ARG B 63 16.91 13.55 -0.08
CA ARG B 63 17.97 12.70 -0.60
C ARG B 63 19.22 13.53 -0.87
N VAL B 64 20.38 12.88 -0.79
CA VAL B 64 21.65 13.58 -0.84
C VAL B 64 22.32 13.30 -2.18
N GLN B 65 23.10 14.27 -2.65
CA GLN B 65 23.80 14.15 -3.93
C GLN B 65 25.21 14.68 -3.75
N ARG B 66 26.20 13.82 -4.01
CA ARG B 66 27.61 14.22 -4.00
C ARG B 66 28.02 14.25 -5.47
N LEU B 67 28.05 15.46 -6.04
CA LEU B 67 28.20 15.61 -7.48
C LEU B 67 29.44 14.89 -8.00
N ASN B 68 30.48 14.77 -7.19
CA ASN B 68 31.68 14.07 -7.61
C ASN B 68 31.36 12.61 -7.90
N GLU B 69 30.86 11.88 -6.90
CA GLU B 69 30.47 10.50 -7.09
C GLU B 69 29.07 10.37 -7.68
N LEU B 70 28.54 11.44 -8.27
CA LEU B 70 27.25 11.38 -8.96
C LEU B 70 27.34 10.58 -10.25
N GLU B 71 28.45 10.72 -10.99
CA GLU B 71 28.74 9.87 -12.14
C GLU B 71 29.18 8.50 -11.62
N ALA B 72 28.40 7.47 -11.96
CA ALA B 72 28.73 6.10 -11.57
C ALA B 72 29.44 5.33 -12.67
N MET B 73 29.68 5.95 -13.82
CA MET B 73 30.41 5.33 -14.92
C MET B 73 31.89 5.72 -14.95
N THR B 74 32.51 5.88 -13.79
CA THR B 74 33.96 6.03 -13.71
C THR B 74 34.64 4.83 -14.32
N ARG B 75 35.86 5.05 -14.81
CA ARG B 75 36.68 3.95 -15.32
C ARG B 75 36.83 2.85 -14.28
N VAL B 76 37.11 3.23 -13.03
CA VAL B 76 37.45 2.23 -12.03
C VAL B 76 36.26 1.34 -11.71
N ARG B 77 35.08 1.94 -11.55
CA ARG B 77 33.89 1.14 -11.29
C ARG B 77 33.65 0.16 -12.42
N LEU B 78 33.59 0.65 -13.66
CA LEU B 78 33.32 -0.22 -14.80
C LEU B 78 34.32 -1.36 -14.89
N ASP B 79 35.62 -1.06 -14.74
CA ASP B 79 36.63 -2.11 -14.82
C ASP B 79 36.52 -3.06 -13.64
N PHE B 80 36.32 -2.52 -12.44
CA PHE B 80 36.03 -3.35 -11.28
C PHE B 80 34.97 -4.39 -11.60
N LEU B 81 33.82 -3.93 -12.07
CA LEU B 81 32.72 -4.85 -12.38
C LEU B 81 33.08 -5.78 -13.51
N ASP B 82 33.73 -5.26 -14.55
CA ASP B 82 34.26 -6.12 -15.59
C ASP B 82 35.04 -7.27 -14.97
N GLN B 83 35.97 -6.96 -14.07
CA GLN B 83 36.79 -8.01 -13.48
C GLN B 83 35.94 -8.94 -12.64
N LEU B 84 35.08 -8.37 -11.80
CA LEU B 84 34.27 -9.19 -10.91
C LEU B 84 33.40 -10.17 -11.67
N ALA B 85 32.96 -9.81 -12.87
CA ALA B 85 32.15 -10.75 -13.65
C ALA B 85 33.01 -11.87 -14.22
N LYS B 86 34.11 -11.54 -14.91
CA LYS B 86 35.00 -12.56 -15.43
C LYS B 86 35.45 -13.50 -14.32
N PHE B 87 35.53 -13.01 -13.09
CA PHE B 87 35.77 -13.86 -11.95
C PHE B 87 34.67 -14.90 -11.79
N TRP B 88 33.42 -14.48 -11.80
CA TRP B 88 32.35 -15.42 -11.57
C TRP B 88 32.09 -16.29 -12.79
N GLU B 89 32.41 -15.81 -14.00
CA GLU B 89 32.32 -16.69 -15.16
C GLU B 89 33.37 -17.80 -15.07
N LEU B 90 34.57 -17.46 -14.59
CA LEU B 90 35.57 -18.47 -14.33
C LEU B 90 35.04 -19.53 -13.36
N GLN B 91 34.38 -19.09 -12.29
CA GLN B 91 33.78 -20.01 -11.33
C GLN B 91 32.43 -20.53 -11.80
N GLY B 92 31.88 -19.98 -12.88
CA GLY B 92 30.65 -20.50 -13.47
C GLY B 92 29.41 -20.14 -12.69
N SER B 93 29.22 -18.85 -12.40
CA SER B 93 28.11 -18.38 -11.59
C SER B 93 27.33 -17.24 -12.24
N THR B 94 27.82 -16.63 -13.33
CA THR B 94 27.00 -15.73 -14.14
C THR B 94 26.43 -14.60 -13.27
N LEU B 95 27.35 -13.72 -12.86
CA LEU B 95 27.10 -12.65 -11.89
C LEU B 95 25.70 -12.03 -11.94
N LYS B 96 25.02 -12.03 -10.78
CA LYS B 96 23.70 -11.42 -10.62
C LYS B 96 23.83 -10.20 -9.71
N ILE B 97 23.42 -9.03 -10.22
CA ILE B 97 23.51 -7.78 -9.48
C ILE B 97 22.22 -7.61 -8.70
N PRO B 98 22.27 -7.44 -7.38
CA PRO B 98 21.04 -7.36 -6.58
C PRO B 98 20.48 -5.94 -6.55
N VAL B 99 19.27 -5.84 -6.00
CA VAL B 99 18.60 -4.57 -5.82
C VAL B 99 18.44 -4.33 -4.33
N VAL B 100 18.63 -3.08 -3.90
CA VAL B 100 18.45 -2.71 -2.49
C VAL B 100 17.75 -1.35 -2.44
N GLU B 101 16.68 -1.27 -1.65
CA GLU B 101 15.95 -0.03 -1.46
C GLU B 101 15.67 0.64 -2.80
N ARG B 102 14.87 -0.05 -3.62
CA ARG B 102 14.33 0.44 -4.89
C ARG B 102 15.37 0.57 -6.00
N LYS B 103 16.65 0.32 -5.72
CA LYS B 103 17.67 0.51 -6.75
C LYS B 103 18.85 -0.41 -6.49
N ILE B 104 19.70 -0.54 -7.51
CA ILE B 104 20.84 -1.46 -7.49
C ILE B 104 21.86 -1.08 -6.41
N LEU B 105 22.74 -2.04 -6.12
CA LEU B 105 23.80 -1.90 -5.11
C LEU B 105 25.10 -1.53 -5.80
N ASP B 106 25.82 -0.56 -5.22
CA ASP B 106 27.11 -0.13 -5.76
C ASP B 106 28.20 -0.99 -5.13
N LEU B 107 28.55 -2.06 -5.84
CA LEU B 107 29.48 -3.04 -5.29
C LEU B 107 30.88 -2.45 -5.16
N TYR B 108 31.28 -1.64 -6.12
CA TYR B 108 32.60 -1.03 -6.05
C TYR B 108 32.72 -0.18 -4.80
N ALA B 109 31.77 0.74 -4.59
CA ALA B 109 31.77 1.53 -3.37
C ALA B 109 31.75 0.64 -2.14
N LEU B 110 30.88 -0.37 -2.14
CA LEU B 110 30.80 -1.29 -1.01
C LEU B 110 32.12 -1.98 -0.75
N SER B 111 32.74 -2.54 -1.79
CA SER B 111 34.02 -3.23 -1.61
C SER B 111 35.09 -2.27 -1.10
N LYS B 112 35.17 -1.07 -1.68
CA LYS B 112 36.15 -0.10 -1.21
C LYS B 112 36.03 0.09 0.30
N ILE B 113 34.79 0.29 0.77
CA ILE B 113 34.58 0.68 2.17
C ILE B 113 34.85 -0.49 3.09
N VAL B 114 34.35 -1.68 2.75
CA VAL B 114 34.55 -2.85 3.60
C VAL B 114 36.03 -3.06 3.85
N ALA B 115 36.85 -2.95 2.80
CA ALA B 115 38.28 -3.15 2.97
C ALA B 115 38.92 -1.95 3.66
N SER B 116 38.34 -0.76 3.52
CA SER B 116 38.87 0.42 4.19
C SER B 116 38.95 0.23 5.70
N LYS B 117 38.20 -0.72 6.26
CA LYS B 117 38.19 -0.97 7.69
C LYS B 117 38.43 -2.45 7.99
N GLY B 118 39.34 -3.08 7.25
CA GLY B 118 39.82 -4.40 7.57
C GLY B 118 39.12 -5.54 6.85
N GLY B 119 37.94 -5.30 6.29
CA GLY B 119 37.28 -6.29 5.49
C GLY B 119 36.11 -6.97 6.20
N PHE B 120 35.65 -8.03 5.55
CA PHE B 120 34.41 -8.70 5.91
C PHE B 120 34.40 -9.21 7.35
N GLU B 121 35.27 -10.18 7.67
CA GLU B 121 35.22 -10.81 8.99
C GLU B 121 35.61 -9.82 10.09
N MET B 122 36.54 -8.92 9.79
CA MET B 122 36.85 -7.86 10.74
C MET B 122 35.61 -7.01 11.01
N VAL B 123 34.95 -6.54 9.95
CA VAL B 123 33.77 -5.69 10.11
C VAL B 123 32.67 -6.45 10.83
N THR B 124 32.41 -7.68 10.41
CA THR B 124 31.36 -8.48 11.03
C THR B 124 31.61 -8.65 12.52
N LYS B 125 32.85 -8.98 12.89
CA LYS B 125 33.22 -9.06 14.29
C LYS B 125 33.35 -7.70 14.95
N GLU B 126 32.83 -6.65 14.30
CA GLU B 126 32.68 -5.36 14.92
C GLU B 126 31.30 -4.74 14.71
N LYS B 127 30.48 -5.30 13.81
CA LYS B 127 29.07 -4.92 13.64
C LYS B 127 28.91 -3.54 13.00
N LYS B 128 29.85 -3.15 12.15
CA LYS B 128 29.82 -1.82 11.54
C LYS B 128 29.08 -1.78 10.22
N TRP B 129 28.34 -2.84 9.90
CA TRP B 129 27.58 -2.89 8.65
C TRP B 129 26.58 -1.75 8.55
N SER B 130 26.05 -1.28 9.67
CA SER B 130 25.10 -0.17 9.62
C SER B 130 25.82 1.15 9.34
N LYS B 131 27.02 1.32 9.88
CA LYS B 131 27.87 2.45 9.49
C LYS B 131 28.15 2.43 7.99
N VAL B 132 28.20 1.24 7.39
CA VAL B 132 28.36 1.14 5.94
C VAL B 132 27.16 1.74 5.23
N GLY B 133 25.96 1.21 5.53
CA GLY B 133 24.75 1.72 4.93
C GLY B 133 24.64 3.22 5.05
N SER B 134 25.20 3.79 6.11
CA SER B 134 25.22 5.24 6.26
C SER B 134 25.94 5.89 5.07
N ARG B 135 27.22 5.56 4.88
CA ARG B 135 27.99 6.25 3.86
C ARG B 135 27.50 5.91 2.45
N LEU B 136 26.85 4.75 2.29
CA LEU B 136 26.26 4.41 1.01
C LEU B 136 24.91 5.08 0.77
N GLY B 137 24.42 5.87 1.73
CA GLY B 137 23.21 6.62 1.54
C GLY B 137 21.93 5.88 1.85
N TYR B 138 22.01 4.64 2.31
CA TYR B 138 20.81 3.90 2.60
C TYR B 138 20.13 4.44 3.87
N LEU B 139 18.82 4.56 3.81
CA LEU B 139 18.05 5.10 4.92
C LEU B 139 17.96 4.08 6.05
N PRO B 140 18.50 4.36 7.23
CA PRO B 140 18.27 3.45 8.36
C PRO B 140 16.84 3.56 8.84
N GLY B 141 16.46 2.70 9.77
CA GLY B 141 17.26 1.60 10.28
C GLY B 141 16.56 0.33 9.86
N LYS B 142 16.15 0.30 8.59
CA LYS B 142 15.34 -0.77 8.02
C LYS B 142 16.07 -2.09 7.88
N GLY B 143 17.25 -2.24 8.47
CA GLY B 143 17.93 -3.52 8.48
C GLY B 143 18.89 -3.72 7.33
N THR B 144 19.12 -2.67 6.54
CA THR B 144 20.00 -2.77 5.39
C THR B 144 21.36 -3.34 5.78
N GLY B 145 21.94 -2.87 6.89
CA GLY B 145 23.26 -3.30 7.31
C GLY B 145 23.46 -4.80 7.18
N SER B 146 22.70 -5.59 7.96
CA SER B 146 22.78 -7.04 7.91
C SER B 146 22.37 -7.60 6.55
N LEU B 147 21.74 -6.79 5.70
CA LEU B 147 21.43 -7.25 4.36
C LEU B 147 22.66 -7.22 3.45
N LEU B 148 23.50 -6.18 3.57
CA LEU B 148 24.70 -6.09 2.75
C LEU B 148 25.67 -7.23 3.06
N LYS B 149 25.94 -7.45 4.34
CA LYS B 149 26.75 -8.57 4.77
C LYS B 149 26.34 -9.83 4.02
N SER B 150 25.03 -10.07 3.90
CA SER B 150 24.56 -11.25 3.20
C SER B 150 25.02 -11.23 1.74
N HIS B 151 24.91 -10.08 1.08
CA HIS B 151 25.30 -10.00 -0.32
C HIS B 151 26.82 -9.97 -0.49
N TYR B 152 27.53 -9.30 0.41
CA TYR B 152 28.99 -9.29 0.33
C TYR B 152 29.55 -10.71 0.38
N GLU B 153 29.28 -11.42 1.48
CA GLU B 153 29.75 -12.80 1.62
C GLU B 153 29.44 -13.66 0.41
N ARG B 154 28.34 -13.38 -0.28
CA ARG B 154 27.90 -14.18 -1.42
C ARG B 154 28.60 -13.79 -2.72
N ILE B 155 29.08 -12.56 -2.82
CA ILE B 155 29.56 -12.03 -4.10
C ILE B 155 30.97 -11.47 -3.99
N LEU B 156 31.29 -10.77 -2.90
CA LEU B 156 32.56 -10.06 -2.80
C LEU B 156 33.61 -10.77 -1.96
N TYR B 157 33.26 -11.34 -0.82
CA TYR B 157 34.28 -11.99 0.01
C TYR B 157 35.13 -12.97 -0.80
N PRO B 158 34.57 -13.78 -1.69
CA PRO B 158 35.45 -14.61 -2.55
C PRO B 158 36.43 -13.75 -3.34
N TYR B 159 35.91 -12.78 -4.09
CA TYR B 159 36.75 -11.85 -4.83
C TYR B 159 37.69 -11.09 -3.89
N GLU B 160 37.24 -10.77 -2.69
CA GLU B 160 38.11 -10.11 -1.73
C GLU B 160 39.32 -10.99 -1.45
N LEU B 161 39.11 -12.29 -1.38
CA LEU B 161 40.22 -13.22 -1.17
C LEU B 161 41.08 -13.31 -2.42
N PHE B 162 40.46 -13.69 -3.54
CA PHE B 162 41.14 -13.69 -4.83
C PHE B 162 41.90 -12.39 -5.05
N GLN B 163 41.21 -11.26 -5.09
CA GLN B 163 41.86 -9.96 -5.20
C GLN B 163 42.95 -9.80 -4.13
N SER B 164 42.75 -10.43 -2.98
CA SER B 164 43.75 -10.46 -1.92
C SER B 164 44.76 -11.54 -2.24
N GLY B 165 45.52 -11.96 -1.25
CA GLY B 165 46.45 -13.04 -1.48
C GLY B 165 45.71 -14.29 -1.91
N VAL B 166 46.40 -15.43 -1.85
CA VAL B 166 45.88 -16.67 -2.40
C VAL B 166 44.50 -17.02 -1.81
N SER B 167 44.45 -17.33 -0.52
CA SER B 167 43.27 -17.13 0.32
C SER B 167 41.98 -17.69 -0.26
N LEU B 168 42.01 -18.81 -0.99
CA LEU B 168 40.76 -19.46 -1.37
C LEU B 168 40.81 -20.95 -1.04
N MET B 169 39.94 -21.35 -0.10
CA MET B 169 39.65 -22.76 0.16
C MET B 169 38.16 -23.04 0.30
N GLY B 170 37.35 -22.06 0.69
CA GLY B 170 35.93 -22.24 0.87
C GLY B 170 35.34 -21.09 1.66
N VAL B 171 34.02 -20.98 1.65
CA VAL B 171 33.07 -21.89 0.98
C VAL B 171 32.47 -21.15 -0.21
N GLN B 172 31.66 -21.84 -1.01
CA GLN B 172 31.27 -21.33 -2.32
C GLN B 172 29.90 -21.86 -2.72
N MET B 173 29.24 -21.11 -3.60
CA MET B 173 28.09 -21.58 -4.38
C MET B 173 27.56 -20.41 -5.21
N GLU B 185 19.77 -17.67 0.07
CA GLU B 185 19.32 -17.28 1.41
C GLU B 185 18.39 -16.08 1.35
N VAL B 186 17.48 -16.07 0.39
CA VAL B 186 16.58 -14.91 0.18
C VAL B 186 15.40 -15.13 1.12
N LEU B 187 15.62 -14.80 2.39
CA LEU B 187 14.55 -14.85 3.41
C LEU B 187 15.03 -14.00 4.58
N SER B 188 14.37 -12.86 4.81
CA SER B 188 14.81 -11.94 5.86
C SER B 188 14.98 -12.63 7.20
N THR B 189 14.32 -13.77 7.42
CA THR B 189 14.56 -14.54 8.63
C THR B 189 16.04 -14.85 8.78
N ASP B 190 16.64 -15.43 7.73
CA ASP B 190 18.06 -15.78 7.76
C ASP B 190 18.92 -14.53 7.60
N THR B 191 18.60 -13.67 6.63
CA THR B 191 19.43 -12.49 6.34
C THR B 191 19.56 -11.56 7.54
N GLN B 192 18.68 -11.67 8.53
CA GLN B 192 18.70 -10.80 9.71
C GLN B 192 19.19 -11.52 10.96
N THR B 193 19.74 -12.73 10.83
CA THR B 193 20.25 -13.48 11.98
C THR B 193 21.61 -14.06 11.64
N SER B 194 22.41 -14.33 12.69
CA SER B 194 23.68 -14.99 12.46
C SER B 194 24.46 -15.29 13.75
N PRO B 195 25.55 -16.08 13.66
CA PRO B 195 25.71 -17.00 12.52
C PRO B 195 25.02 -18.35 12.74
N GLU B 196 25.35 -19.06 13.83
CA GLU B 196 24.50 -20.07 14.44
C GLU B 196 25.14 -20.59 15.72
N PRO B 197 25.40 -19.78 16.74
CA PRO B 197 26.19 -20.27 17.90
C PRO B 197 25.42 -21.16 18.87
N GLY B 198 26.04 -21.45 20.03
CA GLY B 198 25.49 -22.35 21.02
C GLY B 198 24.37 -21.76 21.87
N THR B 199 23.89 -22.59 22.80
CA THR B 199 22.64 -22.30 23.52
C THR B 199 22.62 -20.90 24.15
N ARG B 200 23.76 -20.43 24.64
CA ARG B 200 23.83 -19.12 25.30
C ARG B 200 24.89 -18.22 24.66
N TYR B 351 12.46 17.37 6.90
CA TYR B 351 12.53 18.70 6.29
C TYR B 351 11.17 19.33 5.96
N THR B 352 11.12 20.66 6.02
CA THR B 352 9.96 21.42 5.53
C THR B 352 10.39 22.29 4.36
N LEU B 353 9.47 22.47 3.40
CA LEU B 353 9.75 23.36 2.28
C LEU B 353 10.24 24.71 2.79
N GLN B 354 9.58 25.26 3.81
CA GLN B 354 10.04 26.49 4.42
C GLN B 354 11.49 26.35 4.86
N SER B 355 11.75 25.39 5.74
CA SER B 355 13.12 25.14 6.18
C SER B 355 14.02 24.84 4.99
N PHE B 356 13.45 24.28 3.92
CA PHE B 356 14.25 23.94 2.75
C PHE B 356 14.69 25.18 1.99
N GLY B 357 13.73 26.05 1.61
CA GLY B 357 14.12 27.31 1.00
C GLY B 357 15.14 28.07 1.80
N GLU B 358 14.95 28.13 3.13
CA GLU B 358 15.90 28.84 3.98
C GLU B 358 17.33 28.32 3.81
N MET B 359 17.48 27.04 3.47
CA MET B 359 18.83 26.47 3.35
C MET B 359 19.42 26.71 1.95
N ALA B 360 18.60 26.60 0.91
CA ALA B 360 19.07 26.85 -0.44
C ALA B 360 19.50 28.31 -0.61
N ASP B 361 18.57 29.24 -0.42
CA ASP B 361 18.88 30.64 -0.59
C ASP B 361 20.02 31.08 0.32
N ASN B 362 20.19 30.42 1.46
CA ASN B 362 21.35 30.63 2.32
C ASN B 362 22.55 29.79 1.89
N PHE B 363 22.47 29.15 0.72
CA PHE B 363 23.57 28.38 0.16
C PHE B 363 24.02 28.90 -1.20
N LYS B 364 23.06 29.09 -2.12
CA LYS B 364 23.37 29.71 -3.40
C LYS B 364 24.12 31.02 -3.19
N SER B 365 23.56 31.91 -2.36
CA SER B 365 24.19 33.21 -2.14
C SER B 365 25.60 33.05 -1.56
N ASP B 366 25.74 32.22 -0.52
CA ASP B 366 27.06 32.04 0.06
C ASP B 366 28.02 31.39 -0.91
N TYR B 367 27.50 30.74 -1.94
CA TYR B 367 28.36 30.14 -2.97
C TYR B 367 28.93 31.21 -3.90
N PHE B 368 28.05 31.96 -4.56
CA PHE B 368 28.45 32.99 -5.51
C PHE B 368 28.61 34.37 -4.87
N ASN B 369 28.21 34.53 -3.61
CA ASN B 369 28.22 35.85 -2.95
C ASN B 369 27.30 36.82 -3.70
N MET B 370 26.07 36.38 -3.95
CA MET B 370 25.10 37.18 -4.67
C MET B 370 23.70 36.85 -4.16
N PRO B 371 22.72 37.70 -4.42
CA PRO B 371 21.32 37.29 -4.24
C PRO B 371 20.90 36.28 -5.30
N VAL B 372 19.98 35.40 -4.91
CA VAL B 372 19.69 34.20 -5.70
C VAL B 372 18.99 34.56 -7.00
N HIS B 373 18.12 35.55 -6.98
CA HIS B 373 17.42 35.99 -8.19
C HIS B 373 18.28 36.89 -9.06
N MET B 374 19.57 37.03 -8.74
CA MET B 374 20.48 37.86 -9.49
C MET B 374 21.49 37.08 -10.33
N VAL B 375 21.69 35.80 -10.06
CA VAL B 375 22.76 35.05 -10.73
C VAL B 375 22.27 34.58 -12.09
N PRO B 376 23.02 34.82 -13.17
CA PRO B 376 22.54 34.40 -14.49
C PRO B 376 22.51 32.89 -14.62
N THR B 377 21.60 32.40 -15.46
CA THR B 377 21.48 30.96 -15.68
C THR B 377 22.75 30.41 -16.30
N GLU B 378 23.17 30.99 -17.44
CA GLU B 378 24.33 30.49 -18.16
C GLU B 378 25.50 30.23 -17.23
N LEU B 379 25.65 31.05 -16.17
CA LEU B 379 26.78 30.92 -15.26
C LEU B 379 26.69 29.65 -14.43
N VAL B 380 25.51 29.40 -13.85
CA VAL B 380 25.33 28.21 -13.03
C VAL B 380 25.53 26.95 -13.87
N GLU B 381 24.96 26.92 -15.07
CA GLU B 381 25.21 25.84 -16.02
C GLU B 381 26.69 25.56 -16.17
N LYS B 382 27.51 26.61 -16.14
CA LYS B 382 28.95 26.40 -16.28
C LYS B 382 29.52 25.70 -15.07
N GLU B 383 29.17 26.14 -13.86
CA GLU B 383 29.77 25.58 -12.65
C GLU B 383 29.30 24.14 -12.41
N PHE B 384 28.02 23.86 -12.64
CA PHE B 384 27.50 22.52 -12.43
C PHE B 384 28.37 21.49 -13.14
N TRP B 385 28.49 21.62 -14.47
CA TRP B 385 29.28 20.66 -15.23
C TRP B 385 30.75 20.70 -14.85
N ARG B 386 31.24 21.86 -14.44
CA ARG B 386 32.58 21.95 -13.88
C ARG B 386 32.70 21.05 -12.65
N LEU B 387 31.69 21.08 -11.77
CA LEU B 387 31.80 20.40 -10.48
C LEU B 387 31.71 18.89 -10.61
N VAL B 388 30.95 18.40 -11.59
CA VAL B 388 30.80 16.96 -11.77
C VAL B 388 32.16 16.29 -11.90
N SER B 389 33.01 16.82 -12.79
CA SER B 389 34.30 16.23 -13.10
C SER B 389 35.44 16.82 -12.27
N SER B 390 35.16 17.81 -11.41
CA SER B 390 36.20 18.42 -10.60
C SER B 390 36.42 17.56 -9.36
N ILE B 391 37.61 16.94 -9.27
CA ILE B 391 38.05 16.29 -8.05
C ILE B 391 38.70 17.26 -7.08
N GLU B 392 39.06 18.47 -7.55
CA GLU B 392 39.73 19.46 -6.71
C GLU B 392 38.84 19.98 -5.59
N GLU B 393 37.53 19.72 -5.64
CA GLU B 393 36.62 20.19 -4.60
C GLU B 393 35.38 19.32 -4.59
N ASP B 394 34.88 19.02 -3.39
CA ASP B 394 33.69 18.20 -3.19
C ASP B 394 32.54 19.08 -2.73
N VAL B 395 31.36 18.83 -3.29
CA VAL B 395 30.19 19.68 -3.05
C VAL B 395 28.96 18.79 -2.90
N ILE B 396 28.27 18.93 -1.77
CA ILE B 396 27.12 18.09 -1.40
C ILE B 396 25.85 18.91 -1.55
N VAL B 397 24.77 18.26 -1.99
CA VAL B 397 23.50 18.94 -2.22
C VAL B 397 22.35 18.00 -1.89
N GLU B 398 21.23 18.57 -1.45
CA GLU B 398 20.04 17.84 -1.06
C GLU B 398 18.88 18.11 -2.01
N TYR B 399 17.97 17.16 -2.09
CA TYR B 399 16.78 17.31 -2.94
C TYR B 399 15.71 16.38 -2.40
N GLY B 400 14.57 16.35 -3.09
CA GLY B 400 13.48 15.46 -2.75
C GLY B 400 12.79 15.04 -4.02
N ALA B 401 12.55 13.74 -4.19
CA ALA B 401 12.11 13.22 -5.48
C ALA B 401 11.17 12.05 -5.26
N ASP B 402 10.56 11.60 -6.36
CA ASP B 402 9.68 10.44 -6.37
C ASP B 402 8.76 10.49 -5.15
N ILE B 403 7.93 11.54 -5.15
CA ILE B 403 6.99 11.83 -4.07
C ILE B 403 5.60 11.66 -4.65
N SER B 404 4.81 10.77 -4.08
CA SER B 404 3.46 10.54 -4.58
C SER B 404 2.53 11.69 -4.21
N SER B 405 1.69 12.09 -5.17
CA SER B 405 0.57 12.98 -4.85
C SER B 405 -0.45 12.27 -3.96
N LYS B 406 -0.73 11.00 -4.26
CA LYS B 406 -1.63 10.17 -3.46
C LYS B 406 -1.35 10.37 -1.98
N ASP B 407 -0.07 10.41 -1.63
CA ASP B 407 0.35 10.40 -0.23
C ASP B 407 0.61 11.81 0.30
N PHE B 408 1.12 12.72 -0.51
CA PHE B 408 1.46 14.05 -0.04
C PHE B 408 0.51 15.13 -0.57
N GLY B 409 -0.32 14.81 -1.56
CA GLY B 409 -1.16 15.83 -2.17
C GLY B 409 -0.50 16.54 -3.32
N SER B 410 -1.28 16.77 -4.37
CA SER B 410 -0.86 17.52 -5.54
C SER B 410 -0.77 19.02 -5.25
N GLY B 411 0.06 19.71 -6.04
CA GLY B 411 0.10 21.16 -6.10
C GLY B 411 -1.01 21.78 -6.91
N PHE B 412 -1.88 20.96 -7.49
CA PHE B 412 -3.05 21.37 -8.23
C PHE B 412 -4.31 21.14 -7.40
N PRO B 413 -5.34 21.96 -7.58
CA PRO B 413 -6.63 21.66 -6.96
C PRO B 413 -7.32 20.51 -7.68
N VAL B 414 -7.91 19.61 -6.90
CA VAL B 414 -8.65 18.49 -7.47
C VAL B 414 -9.91 18.27 -6.64
N LYS B 415 -10.96 17.77 -7.29
CA LYS B 415 -12.26 17.50 -6.66
C LYS B 415 -12.27 16.06 -6.15
N ASP B 416 -11.82 15.86 -4.89
CA ASP B 416 -11.70 14.53 -4.30
C ASP B 416 -12.34 14.45 -2.92
N GLY B 417 -13.01 15.52 -2.48
CA GLY B 417 -13.62 15.55 -1.17
C GLY B 417 -12.69 15.95 -0.05
N ARG B 418 -11.38 15.97 -0.28
CA ARG B 418 -10.48 16.49 0.73
C ARG B 418 -10.78 17.93 1.10
N ARG B 419 -11.40 18.68 0.20
CA ARG B 419 -11.47 20.12 0.32
C ARG B 419 -12.75 20.62 -0.29
N LYS B 420 -13.37 21.59 0.38
CA LYS B 420 -14.27 22.50 -0.30
C LYS B 420 -13.45 23.30 -1.32
N ILE B 421 -13.82 23.21 -2.59
CA ILE B 421 -13.11 23.88 -3.68
C ILE B 421 -13.69 25.27 -3.86
N LEU B 422 -12.83 26.28 -3.75
CA LEU B 422 -13.24 27.63 -4.08
C LEU B 422 -13.52 27.75 -5.57
N PRO B 423 -14.41 28.66 -5.97
CA PRO B 423 -14.65 28.83 -7.41
C PRO B 423 -13.49 29.46 -8.14
N GLU B 424 -12.66 30.26 -7.46
CA GLU B 424 -11.41 30.72 -8.05
C GLU B 424 -10.63 29.57 -8.66
N GLU B 425 -10.59 28.44 -7.96
CA GLU B 425 -9.85 27.25 -8.39
C GLU B 425 -10.68 26.33 -9.27
N GLU B 426 -12.00 26.50 -9.34
CA GLU B 426 -12.83 25.58 -10.12
C GLU B 426 -12.31 25.46 -11.54
N GLU B 427 -12.02 26.60 -12.17
CA GLU B 427 -11.49 26.59 -13.53
C GLU B 427 -10.28 25.66 -13.64
N TYR B 428 -9.28 25.87 -12.77
CA TYR B 428 -8.01 25.17 -12.91
C TYR B 428 -8.12 23.69 -12.54
N ALA B 429 -9.07 23.35 -11.68
CA ALA B 429 -9.24 21.97 -11.24
C ALA B 429 -9.89 21.09 -12.30
N LEU B 430 -10.54 21.66 -13.31
CA LEU B 430 -11.07 20.87 -14.40
C LEU B 430 -10.20 20.89 -15.66
N SER B 431 -9.20 21.77 -15.72
CA SER B 431 -8.36 21.84 -16.89
C SER B 431 -7.73 20.49 -17.19
N GLY B 432 -7.67 20.15 -18.49
CA GLY B 432 -6.91 18.99 -18.91
C GLY B 432 -5.44 19.14 -18.66
N TRP B 433 -4.99 20.37 -18.41
CA TRP B 433 -3.62 20.65 -18.03
C TRP B 433 -3.41 20.58 -16.53
N ASN B 434 -4.45 20.20 -15.78
CA ASN B 434 -4.25 19.73 -14.42
C ASN B 434 -3.78 18.28 -14.51
N LEU B 435 -2.51 18.07 -14.15
CA LEU B 435 -1.84 16.77 -14.31
C LEU B 435 -2.51 15.63 -13.55
N ASN B 436 -3.59 15.90 -12.83
CA ASN B 436 -4.40 14.81 -12.32
C ASN B 436 -5.47 14.38 -13.30
N ASN B 437 -5.75 15.18 -14.34
CA ASN B 437 -6.78 14.84 -15.30
C ASN B 437 -6.24 14.35 -16.64
N MET B 438 -4.95 14.52 -16.90
CA MET B 438 -4.37 14.08 -18.18
C MET B 438 -4.61 12.60 -18.45
N PRO B 439 -4.17 11.68 -17.59
CA PRO B 439 -4.35 10.26 -17.88
C PRO B 439 -5.81 9.81 -18.06
N VAL B 440 -6.79 10.68 -17.83
CA VAL B 440 -8.20 10.30 -17.97
C VAL B 440 -8.84 10.82 -19.25
N LEU B 441 -8.18 11.72 -19.97
CA LEU B 441 -8.79 12.32 -21.14
C LEU B 441 -9.10 11.27 -22.20
N GLU B 442 -10.17 11.52 -22.96
CA GLU B 442 -10.66 10.54 -23.92
C GLU B 442 -9.61 10.18 -24.96
N GLN B 443 -8.49 10.90 -25.02
CA GLN B 443 -7.38 10.58 -25.92
C GLN B 443 -6.25 9.85 -25.22
N SER B 444 -6.26 9.79 -23.90
CA SER B 444 -5.28 9.01 -23.18
C SER B 444 -5.69 7.54 -23.17
N VAL B 445 -4.70 6.66 -23.19
CA VAL B 445 -4.99 5.23 -23.29
C VAL B 445 -5.69 4.75 -22.03
N LEU B 446 -5.27 5.26 -20.89
CA LEU B 446 -5.75 4.80 -19.61
C LEU B 446 -7.11 5.38 -19.23
N ALA B 447 -7.77 6.05 -20.19
CA ALA B 447 -8.92 6.89 -19.88
C ALA B 447 -10.01 6.13 -19.12
N HIS B 448 -10.23 4.87 -19.49
CA HIS B 448 -11.31 4.08 -18.92
C HIS B 448 -10.83 2.77 -18.30
N ILE B 449 -9.53 2.49 -18.30
CA ILE B 449 -9.03 1.19 -17.81
C ILE B 449 -8.84 1.36 -16.30
N ASN B 450 -9.96 1.25 -15.58
CA ASN B 450 -9.90 1.17 -14.12
C ASN B 450 -9.62 -0.28 -13.78
N VAL B 451 -8.54 -0.82 -14.36
CA VAL B 451 -8.31 -2.26 -14.37
C VAL B 451 -6.90 -2.59 -13.91
N ASP B 452 -6.05 -1.56 -13.72
CA ASP B 452 -4.69 -1.83 -13.27
C ASP B 452 -4.08 -0.55 -12.72
N ILE B 453 -3.68 -0.59 -11.45
CA ILE B 453 -2.83 0.46 -10.88
C ILE B 453 -1.42 0.26 -11.41
N SER B 454 -0.75 1.37 -11.72
CA SER B 454 0.56 1.28 -12.33
C SER B 454 1.55 2.20 -11.62
N GLY B 455 1.05 3.32 -11.07
CA GLY B 455 1.91 4.40 -10.62
C GLY B 455 2.09 5.50 -11.65
N MET B 456 1.72 5.25 -12.91
CA MET B 456 1.84 6.22 -13.99
C MET B 456 0.50 6.85 -14.34
N LYS B 457 -0.45 6.83 -13.41
CA LYS B 457 -1.67 7.61 -13.53
C LYS B 457 -1.79 8.55 -12.33
N VAL B 458 -0.66 8.97 -11.78
CA VAL B 458 -0.63 9.66 -10.50
C VAL B 458 0.57 10.59 -10.49
N PRO B 459 0.38 11.90 -10.33
CA PRO B 459 1.52 12.81 -10.38
C PRO B 459 2.54 12.57 -9.28
N TRP B 460 3.77 12.96 -9.57
CA TRP B 460 4.86 12.85 -8.63
C TRP B 460 5.43 14.23 -8.39
N LEU B 461 6.05 14.44 -7.25
CA LEU B 461 6.48 15.77 -6.84
C LEU B 461 7.99 15.82 -6.70
N TYR B 462 8.59 16.89 -7.20
CA TYR B 462 10.05 16.99 -7.24
C TYR B 462 10.45 18.36 -6.67
N VAL B 463 10.89 18.37 -5.43
CA VAL B 463 11.32 19.59 -4.76
C VAL B 463 12.81 19.80 -5.06
N GLY B 464 13.15 20.93 -5.67
CA GLY B 464 14.44 21.10 -6.27
C GLY B 464 15.25 22.18 -5.56
N MET B 465 16.56 22.06 -5.65
CA MET B 465 17.52 22.98 -5.02
C MET B 465 18.62 23.25 -6.04
N CYS B 466 19.37 24.31 -5.81
CA CYS B 466 20.50 24.63 -6.67
C CYS B 466 21.46 23.44 -6.76
N PHE B 467 21.72 23.01 -7.99
CA PHE B 467 22.64 21.92 -8.36
C PHE B 467 22.00 20.57 -8.15
N SER B 468 20.81 20.49 -7.56
CA SER B 468 20.06 19.24 -7.58
C SER B 468 19.93 18.79 -9.04
N SER B 469 20.14 17.50 -9.28
CA SER B 469 20.27 16.99 -10.63
C SER B 469 19.47 15.70 -10.79
N PHE B 470 19.07 15.43 -12.03
CA PHE B 470 18.59 14.12 -12.41
C PHE B 470 19.37 13.61 -13.62
N CYS B 471 19.59 12.31 -13.65
CA CYS B 471 20.49 11.67 -14.61
C CYS B 471 19.73 11.31 -15.89
N TRP B 472 20.51 11.01 -16.93
CA TRP B 472 19.94 10.65 -18.22
C TRP B 472 19.00 9.47 -18.05
N HIS B 473 17.82 9.58 -18.66
CA HIS B 473 16.84 8.52 -18.45
C HIS B 473 15.70 8.67 -19.44
N ILE B 474 14.94 7.59 -19.58
CA ILE B 474 13.73 7.57 -20.37
C ILE B 474 12.57 7.10 -19.49
N GLU B 475 11.37 7.16 -20.04
CA GLU B 475 10.18 6.86 -19.26
C GLU B 475 9.81 5.40 -19.41
N ASP B 476 9.46 4.77 -18.28
CA ASP B 476 9.00 3.40 -18.27
C ASP B 476 8.04 3.15 -19.44
N HIS B 477 8.35 2.14 -20.25
CA HIS B 477 7.58 1.82 -21.45
C HIS B 477 7.60 2.96 -22.47
N TRP B 478 8.67 3.77 -22.47
CA TRP B 478 8.93 4.73 -23.53
C TRP B 478 7.72 5.63 -23.76
N SER B 479 7.19 6.17 -22.68
CA SER B 479 5.99 6.97 -22.72
C SER B 479 6.35 8.45 -22.75
N TYR B 480 5.32 9.28 -22.90
CA TYR B 480 5.53 10.70 -22.68
C TYR B 480 5.72 10.99 -21.19
N SER B 481 6.35 12.12 -20.93
CA SER B 481 6.38 12.73 -19.62
C SER B 481 5.95 14.17 -19.82
N ILE B 482 5.31 14.76 -18.81
CA ILE B 482 4.98 16.17 -18.85
C ILE B 482 5.21 16.76 -17.46
N ASN B 483 5.94 17.88 -17.40
CA ASN B 483 6.41 18.41 -16.13
C ASN B 483 6.03 19.88 -16.05
N TYR B 484 5.32 20.23 -14.99
CA TYR B 484 4.93 21.60 -14.71
C TYR B 484 5.77 22.12 -13.55
N LEU B 485 6.26 23.35 -13.66
CA LEU B 485 6.99 23.99 -12.57
C LEU B 485 6.01 24.92 -11.87
N HIS B 486 5.52 24.48 -10.71
CA HIS B 486 4.56 25.29 -9.97
C HIS B 486 5.13 26.64 -9.58
N TRP B 487 6.37 26.66 -9.10
CA TRP B 487 7.00 27.92 -8.72
C TRP B 487 8.48 27.67 -8.48
N GLY B 488 9.21 28.74 -8.23
CA GLY B 488 10.59 28.70 -7.80
C GLY B 488 11.55 29.12 -8.89
N GLU B 489 12.82 28.79 -8.66
CA GLU B 489 13.86 29.13 -9.60
C GLU B 489 13.91 28.09 -10.72
N PRO B 490 14.54 28.42 -11.84
CA PRO B 490 14.34 27.63 -13.05
C PRO B 490 15.02 26.25 -12.98
N LYS B 491 14.47 25.34 -13.77
CA LYS B 491 14.99 23.99 -13.95
C LYS B 491 15.56 23.86 -15.35
N THR B 492 16.84 23.51 -15.43
CA THR B 492 17.53 23.35 -16.70
C THR B 492 17.35 21.94 -17.24
N TRP B 493 17.11 21.84 -18.54
CA TRP B 493 16.92 20.55 -19.19
C TRP B 493 18.02 20.29 -20.22
N TYR B 494 18.12 19.03 -20.61
CA TYR B 494 18.95 18.60 -21.73
C TYR B 494 18.22 17.45 -22.43
N GLY B 495 17.87 17.63 -23.69
CA GLY B 495 17.08 16.63 -24.39
C GLY B 495 17.79 15.94 -25.54
N VAL B 496 17.23 14.81 -25.97
CA VAL B 496 17.81 14.00 -27.06
C VAL B 496 16.67 13.33 -27.82
N PRO B 497 16.52 13.53 -29.12
CA PRO B 497 15.35 12.97 -29.81
C PRO B 497 15.32 11.44 -29.74
N SER B 498 14.20 10.88 -30.20
CA SER B 498 14.02 9.44 -30.22
C SER B 498 14.98 8.79 -31.21
N HIS B 499 14.99 9.25 -32.45
CA HIS B 499 15.77 8.57 -33.47
C HIS B 499 17.24 8.49 -33.13
N ALA B 500 17.71 9.18 -32.10
CA ALA B 500 19.10 9.10 -31.69
C ALA B 500 19.28 8.30 -30.41
N ALA B 501 18.31 7.44 -30.09
CA ALA B 501 18.37 6.69 -28.83
C ALA B 501 19.40 5.58 -28.92
N GLU B 502 19.25 4.70 -29.92
CA GLU B 502 20.23 3.65 -30.12
C GLU B 502 21.63 4.24 -30.27
N GLN B 503 21.71 5.37 -30.97
CA GLN B 503 22.96 6.11 -31.11
C GLN B 503 23.47 6.59 -29.75
N LEU B 504 22.56 6.96 -28.86
CA LEU B 504 22.95 7.42 -27.54
C LEU B 504 23.44 6.27 -26.68
N GLU B 505 22.69 5.18 -26.64
CA GLU B 505 23.08 4.04 -25.82
C GLU B 505 24.44 3.50 -26.25
N GLU B 506 24.74 3.58 -27.55
CA GLU B 506 25.98 3.01 -28.09
C GLU B 506 27.21 3.61 -27.44
N VAL B 507 27.21 4.91 -27.19
CA VAL B 507 28.44 5.55 -26.76
C VAL B 507 28.73 5.25 -25.29
N MET B 508 27.69 5.28 -24.46
CA MET B 508 27.88 4.87 -23.07
C MET B 508 28.33 3.41 -23.00
N ARG B 509 27.87 2.61 -23.95
CA ARG B 509 28.26 1.20 -24.02
C ARG B 509 29.71 1.04 -24.50
N GLU B 510 30.22 1.99 -25.28
CA GLU B 510 31.61 1.94 -25.73
C GLU B 510 32.57 1.91 -24.56
N LEU B 511 32.13 2.30 -23.36
CA LEU B 511 32.99 2.39 -22.19
C LEU B 511 33.21 1.06 -21.49
N ALA B 512 32.49 0.01 -21.86
CA ALA B 512 32.74 -1.30 -21.31
C ALA B 512 32.03 -2.34 -22.16
N PRO B 513 32.41 -2.51 -23.43
CA PRO B 513 31.61 -3.39 -24.30
C PRO B 513 31.58 -4.83 -23.82
N GLU B 514 32.72 -5.38 -23.43
CA GLU B 514 32.74 -6.73 -22.89
C GLU B 514 31.71 -6.89 -21.77
N LEU B 515 31.65 -5.90 -20.88
CA LEU B 515 30.75 -5.98 -19.73
C LEU B 515 29.29 -5.93 -20.15
N PHE B 516 28.89 -4.82 -20.78
CA PHE B 516 27.49 -4.65 -21.18
C PHE B 516 27.00 -5.78 -22.08
N GLU B 517 27.89 -6.56 -22.70
CA GLU B 517 27.47 -7.81 -23.29
C GLU B 517 26.93 -8.74 -22.22
N SER B 518 27.66 -8.87 -21.11
CA SER B 518 27.23 -9.75 -20.04
C SER B 518 26.02 -9.19 -19.30
N GLN B 519 25.97 -7.87 -19.11
CA GLN B 519 24.92 -7.22 -18.32
C GLN B 519 24.25 -6.13 -19.16
N PRO B 520 23.55 -6.51 -20.23
CA PRO B 520 23.00 -5.49 -21.14
C PRO B 520 22.20 -4.42 -20.42
N ASP B 521 21.27 -4.82 -19.56
CA ASP B 521 20.41 -3.86 -18.88
C ASP B 521 21.15 -3.10 -17.78
N LEU B 522 22.29 -3.60 -17.34
CA LEU B 522 23.12 -2.86 -16.39
C LEU B 522 23.54 -1.52 -16.96
N LEU B 523 23.42 -1.34 -18.28
CA LEU B 523 23.60 -0.02 -18.87
C LEU B 523 22.62 0.99 -18.28
N HIS B 524 21.33 0.65 -18.28
CA HIS B 524 20.31 1.56 -17.76
C HIS B 524 20.33 1.61 -16.24
N GLN B 525 20.53 0.47 -15.58
CA GLN B 525 20.69 0.46 -14.14
C GLN B 525 21.79 1.40 -13.66
N LEU B 526 22.67 1.86 -14.53
CA LEU B 526 23.77 2.73 -14.14
C LEU B 526 23.43 4.16 -14.51
N VAL B 527 23.29 5.01 -13.50
CA VAL B 527 22.98 6.41 -13.71
C VAL B 527 24.25 7.11 -14.16
N THR B 528 24.10 8.06 -15.08
CA THR B 528 25.23 8.82 -15.61
C THR B 528 24.75 10.19 -16.04
N ILE B 529 25.57 11.21 -15.78
CA ILE B 529 25.38 12.50 -16.42
C ILE B 529 26.52 12.69 -17.42
N MET B 530 26.32 12.22 -18.65
CA MET B 530 27.33 12.36 -19.68
C MET B 530 27.17 13.76 -20.27
N ASN B 531 28.16 14.62 -20.00
CA ASN B 531 28.17 15.97 -20.53
C ASN B 531 27.68 15.98 -21.98
N PRO B 532 26.69 16.81 -22.32
CA PRO B 532 26.17 16.79 -23.69
C PRO B 532 27.24 17.04 -24.74
N ASN B 533 28.16 17.97 -24.50
CA ASN B 533 29.26 18.21 -25.43
C ASN B 533 29.82 16.91 -25.97
N VAL B 534 30.14 15.98 -25.06
CA VAL B 534 30.66 14.67 -25.46
C VAL B 534 29.72 14.00 -26.45
N LEU B 535 28.47 13.85 -26.04
CA LEU B 535 27.47 13.26 -26.93
C LEU B 535 27.41 13.99 -28.25
N MET B 536 27.53 15.32 -28.22
CA MET B 536 27.50 16.09 -29.45
C MET B 536 28.76 15.84 -30.28
N GLU B 537 29.93 15.84 -29.63
CA GLU B 537 31.17 15.50 -30.32
C GLU B 537 31.28 14.01 -30.57
N HIS B 538 30.24 13.24 -30.28
CA HIS B 538 30.08 11.88 -30.79
C HIS B 538 28.94 11.78 -31.78
N GLY B 539 28.35 12.90 -32.16
CA GLY B 539 27.37 12.94 -33.23
C GLY B 539 25.93 12.87 -32.81
N VAL B 540 25.61 13.14 -31.56
CA VAL B 540 24.26 12.90 -31.02
C VAL B 540 23.55 14.24 -30.91
N PRO B 541 22.34 14.38 -31.46
CA PRO B 541 21.60 15.65 -31.28
C PRO B 541 21.30 15.90 -29.81
N VAL B 542 21.64 17.09 -29.35
CA VAL B 542 21.31 17.52 -28.00
C VAL B 542 20.73 18.92 -28.05
N TYR B 543 19.55 19.08 -27.46
CA TYR B 543 18.90 20.37 -27.29
C TYR B 543 18.78 20.65 -25.79
N ARG B 544 18.24 21.81 -25.45
CA ARG B 544 18.19 22.22 -24.06
C ARG B 544 17.15 23.32 -23.91
N THR B 545 16.75 23.55 -22.65
CA THR B 545 15.93 24.71 -22.35
C THR B 545 16.10 25.04 -20.88
N ASN B 546 15.61 26.22 -20.51
CA ASN B 546 15.51 26.63 -19.11
C ASN B 546 14.03 26.63 -18.76
N GLN B 547 13.65 25.80 -17.80
CA GLN B 547 12.25 25.69 -17.41
C GLN B 547 11.96 26.72 -16.33
N CYS B 548 10.90 27.52 -16.55
CA CYS B 548 10.55 28.63 -15.69
C CYS B 548 9.16 28.41 -15.10
N ALA B 549 8.88 29.12 -14.01
CA ALA B 549 7.61 28.99 -13.33
C ALA B 549 6.45 29.26 -14.28
N GLY B 550 5.48 28.37 -14.27
CA GLY B 550 4.32 28.46 -15.12
C GLY B 550 4.48 27.80 -16.47
N GLU B 551 5.61 27.15 -16.71
CA GLU B 551 5.92 26.55 -17.98
C GLU B 551 5.87 25.02 -17.88
N PHE B 552 5.27 24.40 -18.89
CA PHE B 552 5.33 22.96 -19.07
C PHE B 552 6.59 22.53 -19.82
N VAL B 553 7.08 21.35 -19.48
CA VAL B 553 8.10 20.64 -20.26
C VAL B 553 7.50 19.31 -20.67
N VAL B 554 7.41 19.08 -21.97
CA VAL B 554 6.82 17.86 -22.48
C VAL B 554 7.94 16.99 -23.01
N THR B 555 7.93 15.71 -22.65
CA THR B 555 8.92 14.75 -23.12
C THR B 555 8.23 13.75 -24.03
N PHE B 556 8.98 13.26 -25.00
CA PHE B 556 8.42 12.38 -26.00
C PHE B 556 8.98 10.96 -25.88
N PRO B 557 8.35 9.98 -26.52
CA PRO B 557 8.79 8.59 -26.37
C PRO B 557 10.24 8.38 -26.80
N ARG B 558 10.97 7.64 -25.97
CA ARG B 558 12.39 7.33 -26.18
C ARG B 558 13.20 8.60 -26.41
N ALA B 559 12.82 9.68 -25.74
CA ALA B 559 13.62 10.90 -25.66
C ALA B 559 14.38 10.87 -24.33
N TYR B 560 15.60 10.36 -24.37
CA TYR B 560 16.50 10.53 -23.24
C TYR B 560 16.52 11.98 -22.80
N HIS B 561 16.73 12.22 -21.51
CA HIS B 561 16.81 13.59 -21.03
C HIS B 561 17.40 13.62 -19.63
N SER B 562 17.95 14.79 -19.29
CA SER B 562 18.66 15.01 -18.04
C SER B 562 18.50 16.48 -17.68
N GLY B 563 19.10 16.87 -16.56
CA GLY B 563 19.00 18.26 -16.17
C GLY B 563 19.35 18.48 -14.71
N PHE B 564 19.22 19.75 -14.32
CA PHE B 564 19.47 20.19 -12.96
C PHE B 564 18.62 21.43 -12.70
N ASN B 565 18.64 21.90 -11.47
CA ASN B 565 17.82 23.03 -11.06
C ASN B 565 18.70 24.23 -10.73
N GLN B 566 18.24 25.43 -11.14
CA GLN B 566 19.01 26.64 -10.89
C GLN B 566 18.96 27.04 -9.42
N GLY B 567 17.86 26.71 -8.75
CA GLY B 567 17.73 26.99 -7.33
C GLY B 567 16.46 26.35 -6.79
N TYR B 568 15.98 26.90 -5.67
CA TYR B 568 14.84 26.35 -4.95
C TYR B 568 13.56 26.44 -5.78
N ASN B 569 12.84 25.33 -5.87
CA ASN B 569 11.64 25.27 -6.71
C ASN B 569 10.80 24.06 -6.31
N PHE B 570 9.77 23.79 -7.10
CA PHE B 570 8.85 22.69 -6.80
C PHE B 570 8.21 22.29 -8.12
N ALA B 571 8.34 21.02 -8.49
CA ALA B 571 7.85 20.55 -9.78
C ALA B 571 6.92 19.36 -9.59
N GLU B 572 6.11 19.13 -10.62
CA GLU B 572 5.11 18.07 -10.60
C GLU B 572 5.06 17.45 -11.99
N ALA B 573 5.25 16.13 -12.07
CA ALA B 573 5.41 15.45 -13.35
C ALA B 573 4.52 14.23 -13.44
N VAL B 574 4.21 13.82 -14.68
CA VAL B 574 3.32 12.68 -14.92
C VAL B 574 3.70 12.04 -16.25
N ASN B 575 3.51 10.74 -16.34
CA ASN B 575 3.61 10.04 -17.61
C ASN B 575 2.24 9.99 -18.26
N PHE B 576 2.23 9.81 -19.58
CA PHE B 576 0.96 9.62 -20.26
C PHE B 576 1.21 9.00 -21.63
N CYS B 577 0.12 8.64 -22.31
CA CYS B 577 0.22 7.77 -23.48
C CYS B 577 -0.86 8.11 -24.48
N THR B 578 -0.52 7.99 -25.76
CA THR B 578 -1.36 8.43 -26.85
C THR B 578 -1.38 7.34 -27.92
N ALA B 579 -2.34 7.44 -28.85
CA ALA B 579 -2.42 6.49 -29.95
C ALA B 579 -1.05 6.26 -30.61
N ASP B 580 -0.31 7.34 -30.89
CA ASP B 580 0.98 7.21 -31.54
C ASP B 580 1.97 6.42 -30.70
N TRP B 581 1.71 6.26 -29.41
CA TRP B 581 2.63 5.52 -28.55
C TRP B 581 2.44 4.01 -28.61
N LEU B 582 1.24 3.54 -28.97
CA LEU B 582 0.92 2.12 -28.94
C LEU B 582 1.98 1.29 -29.64
N PRO B 583 2.27 1.55 -30.92
CA PRO B 583 3.26 0.71 -31.62
C PRO B 583 4.64 0.80 -31.03
N ILE B 584 4.94 1.88 -30.29
CA ILE B 584 6.22 1.97 -29.61
C ILE B 584 6.22 1.07 -28.37
N GLY B 585 5.16 1.15 -27.57
CA GLY B 585 5.06 0.27 -26.42
C GLY B 585 5.28 -1.18 -26.78
N ARG B 586 4.68 -1.64 -27.88
CA ARG B 586 4.95 -2.98 -28.36
C ARG B 586 6.45 -3.18 -28.61
N GLN B 587 7.09 -2.20 -29.25
CA GLN B 587 8.52 -2.31 -29.50
C GLN B 587 9.32 -2.27 -28.20
N CYS B 588 8.81 -1.56 -27.19
CA CYS B 588 9.54 -1.46 -25.93
C CYS B 588 9.58 -2.79 -25.20
N VAL B 589 8.46 -3.51 -25.17
CA VAL B 589 8.45 -4.83 -24.54
C VAL B 589 9.41 -5.76 -25.28
N ASN B 590 9.35 -5.73 -26.61
CA ASN B 590 10.27 -6.54 -27.40
C ASN B 590 11.72 -6.21 -27.08
N HIS B 591 11.97 -4.99 -26.63
CA HIS B 591 13.29 -4.60 -26.15
C HIS B 591 13.49 -4.92 -24.68
N TYR B 592 12.42 -4.80 -23.88
CA TYR B 592 12.50 -5.26 -22.49
C TYR B 592 12.65 -6.77 -22.40
N ARG B 593 12.04 -7.50 -23.33
CA ARG B 593 12.21 -8.96 -23.37
C ARG B 593 13.63 -9.33 -23.75
N ARG B 594 14.20 -8.66 -24.76
CA ARG B 594 15.58 -8.93 -25.14
C ARG B 594 16.55 -8.54 -24.04
N LEU B 595 16.14 -7.72 -23.09
CA LEU B 595 16.85 -7.57 -21.83
C LEU B 595 16.22 -8.49 -20.79
N ARG B 596 16.59 -8.30 -19.52
CA ARG B 596 16.00 -9.03 -18.41
C ARG B 596 15.14 -8.11 -17.56
N ARG B 597 14.41 -7.21 -18.23
CA ARG B 597 13.74 -6.10 -17.56
C ARG B 597 12.28 -6.44 -17.27
N HIS B 598 11.86 -6.15 -16.04
CA HIS B 598 10.46 -6.31 -15.66
C HIS B 598 9.59 -5.25 -16.34
N CYS B 599 8.36 -5.64 -16.63
CA CYS B 599 7.38 -4.75 -17.25
C CYS B 599 6.35 -4.33 -16.19
N VAL B 600 6.05 -3.03 -16.14
CA VAL B 600 5.12 -2.54 -15.13
C VAL B 600 3.67 -2.84 -15.47
N PHE B 601 3.40 -3.27 -16.69
CA PHE B 601 2.08 -3.75 -17.06
C PHE B 601 2.22 -4.52 -18.37
N SER B 602 1.13 -5.14 -18.82
CA SER B 602 1.13 -5.93 -20.03
C SER B 602 0.54 -5.11 -21.18
N HIS B 603 1.35 -4.83 -22.19
CA HIS B 603 0.85 -4.04 -23.31
C HIS B 603 -0.32 -4.74 -23.97
N GLU B 604 -0.20 -6.04 -24.19
CA GLU B 604 -1.25 -6.78 -24.86
C GLU B 604 -2.53 -6.81 -24.04
N GLU B 605 -2.41 -7.00 -22.72
CA GLU B 605 -3.55 -6.91 -21.83
C GLU B 605 -4.30 -5.61 -22.04
N LEU B 606 -3.55 -4.51 -22.04
CA LEU B 606 -4.13 -3.18 -22.21
C LEU B 606 -4.97 -3.10 -23.48
N ILE B 607 -4.39 -3.49 -24.61
CA ILE B 607 -5.06 -3.31 -25.89
C ILE B 607 -6.43 -3.97 -25.91
N PHE B 608 -6.56 -5.14 -25.26
CA PHE B 608 -7.86 -5.80 -25.25
C PHE B 608 -8.84 -5.11 -24.31
N LYS B 609 -8.36 -4.65 -23.16
CA LYS B 609 -9.23 -3.84 -22.29
C LYS B 609 -9.74 -2.62 -23.03
N MET B 610 -8.95 -2.08 -23.95
CA MET B 610 -9.42 -1.00 -24.80
C MET B 610 -10.40 -1.52 -25.84
N ALA B 611 -10.12 -2.70 -26.39
CA ALA B 611 -10.97 -3.26 -27.43
C ALA B 611 -12.34 -3.67 -26.88
N ALA B 612 -12.43 -3.95 -25.58
CA ALA B 612 -13.67 -4.40 -24.96
C ALA B 612 -14.60 -3.26 -24.59
N ASP B 613 -14.27 -2.02 -24.95
CA ASP B 613 -15.20 -0.90 -24.85
C ASP B 613 -14.99 0.03 -26.04
N PRO B 614 -15.29 -0.46 -27.25
CA PRO B 614 -15.02 0.36 -28.45
C PRO B 614 -15.76 1.69 -28.47
N GLU B 615 -17.02 1.72 -28.06
CA GLU B 615 -17.68 3.01 -27.90
C GLU B 615 -16.91 3.85 -26.88
N CYS B 616 -17.28 5.12 -26.80
CA CYS B 616 -16.64 6.06 -25.88
C CYS B 616 -15.12 5.98 -25.98
N LEU B 617 -14.62 5.53 -27.13
CA LEU B 617 -13.20 5.34 -27.36
C LEU B 617 -12.79 6.15 -28.57
N ASP B 618 -11.88 7.10 -28.36
CA ASP B 618 -11.47 8.00 -29.44
C ASP B 618 -11.18 7.21 -30.70
N VAL B 619 -11.55 7.80 -31.84
CA VAL B 619 -11.49 7.11 -33.12
C VAL B 619 -10.03 6.80 -33.50
N GLY B 620 -9.12 7.73 -33.23
CA GLY B 620 -7.74 7.52 -33.59
C GLY B 620 -7.17 6.26 -32.97
N LEU B 621 -7.43 6.08 -31.68
CA LEU B 621 -7.03 4.86 -30.99
C LEU B 621 -7.55 3.63 -31.73
N ALA B 622 -8.87 3.57 -31.90
CA ALA B 622 -9.49 2.47 -32.62
C ALA B 622 -8.68 2.12 -33.87
N ALA B 623 -8.54 3.07 -34.79
CA ALA B 623 -7.85 2.78 -36.04
C ALA B 623 -6.46 2.23 -35.80
N MET B 624 -5.73 2.81 -34.84
CA MET B 624 -4.37 2.35 -34.56
C MET B 624 -4.40 0.99 -33.86
N VAL B 625 -5.33 0.80 -32.91
CA VAL B 625 -5.48 -0.50 -32.25
C VAL B 625 -5.63 -1.60 -33.30
N CYS B 626 -6.63 -1.45 -34.19
CA CYS B 626 -6.81 -2.45 -35.24
C CYS B 626 -5.51 -2.70 -35.98
N LYS B 627 -4.84 -1.63 -36.43
CA LYS B 627 -3.57 -1.78 -37.14
C LYS B 627 -2.54 -2.48 -36.26
N GLU B 628 -2.59 -2.26 -34.95
CA GLU B 628 -1.66 -2.90 -34.03
C GLU B 628 -2.10 -4.31 -33.68
N LEU B 629 -3.40 -4.53 -33.54
CA LEU B 629 -3.88 -5.80 -33.02
C LEU B 629 -3.70 -6.93 -34.02
N THR B 630 -3.97 -6.66 -35.30
CA THR B 630 -3.77 -7.69 -36.32
C THR B 630 -2.31 -8.13 -36.35
N LEU B 631 -1.37 -7.19 -36.21
CA LEU B 631 0.03 -7.56 -36.13
C LEU B 631 0.30 -8.49 -34.94
N MET B 632 -0.53 -8.40 -33.90
CA MET B 632 -0.33 -9.24 -32.72
C MET B 632 -1.00 -10.60 -32.90
N THR B 633 -2.19 -10.63 -33.48
CA THR B 633 -2.83 -11.92 -33.78
C THR B 633 -1.92 -12.78 -34.65
N GLU B 634 -1.39 -12.20 -35.73
CA GLU B 634 -0.47 -12.94 -36.59
C GLU B 634 0.73 -13.45 -35.81
N GLU B 635 1.45 -12.53 -35.15
CA GLU B 635 2.62 -12.94 -34.38
C GLU B 635 2.29 -13.98 -33.34
N GLU B 636 1.08 -13.93 -32.77
CA GLU B 636 0.68 -14.90 -31.77
C GLU B 636 0.30 -16.23 -32.41
N THR B 637 -0.58 -16.19 -33.42
CA THR B 637 -0.96 -17.41 -34.12
C THR B 637 0.27 -18.11 -34.71
N ARG B 638 1.24 -17.33 -35.21
CA ARG B 638 2.53 -17.89 -35.56
C ARG B 638 3.15 -18.62 -34.38
N LEU B 639 3.09 -18.02 -33.19
CA LEU B 639 3.65 -18.64 -31.99
C LEU B 639 2.80 -19.79 -31.50
N ARG B 640 1.49 -19.74 -31.73
CA ARG B 640 0.61 -20.82 -31.28
C ARG B 640 0.81 -22.10 -32.09
N GLU B 641 1.26 -21.98 -33.34
CA GLU B 641 1.53 -23.15 -34.17
C GLU B 641 2.97 -23.61 -34.04
N SER B 642 3.91 -22.69 -33.84
CA SER B 642 5.32 -23.04 -33.69
C SER B 642 5.57 -23.91 -32.46
N VAL B 643 4.58 -24.09 -31.59
CA VAL B 643 4.81 -24.81 -30.33
C VAL B 643 4.26 -26.23 -30.40
N VAL B 644 3.15 -26.44 -31.13
CA VAL B 644 2.58 -27.77 -31.17
C VAL B 644 3.52 -28.74 -31.86
N GLN B 645 4.21 -28.28 -32.90
CA GLN B 645 5.29 -29.07 -33.49
C GLN B 645 6.27 -29.53 -32.42
N MET B 646 6.53 -28.67 -31.43
CA MET B 646 7.44 -29.01 -30.35
C MET B 646 6.89 -30.12 -29.45
N GLY B 647 5.63 -30.50 -29.61
CA GLY B 647 5.13 -31.72 -29.01
C GLY B 647 4.20 -31.56 -27.82
N VAL B 648 3.47 -30.45 -27.75
CA VAL B 648 2.54 -30.21 -26.65
C VAL B 648 1.13 -30.56 -27.10
N LEU B 649 0.31 -31.02 -26.15
CA LEU B 649 -1.01 -31.53 -26.44
C LEU B 649 -2.13 -30.77 -25.74
N MET B 650 -2.05 -30.63 -24.42
CA MET B 650 -3.13 -30.01 -23.66
C MET B 650 -3.23 -28.53 -23.98
N SER B 651 -4.45 -27.98 -23.84
CA SER B 651 -4.70 -26.54 -24.03
C SER B 651 -5.58 -26.06 -22.89
N GLU B 652 -4.97 -25.67 -21.78
CA GLU B 652 -5.72 -25.10 -20.68
C GLU B 652 -6.00 -23.63 -20.94
N GLU B 653 -7.07 -23.13 -20.31
CA GLU B 653 -7.48 -21.75 -20.40
C GLU B 653 -7.37 -21.11 -19.03
N GLU B 654 -6.73 -19.94 -18.96
CA GLU B 654 -6.53 -19.24 -17.71
C GLU B 654 -6.79 -17.76 -17.93
N VAL B 655 -7.01 -17.04 -16.83
CA VAL B 655 -7.31 -15.61 -16.85
C VAL B 655 -6.16 -14.89 -16.16
N PHE B 656 -5.25 -14.31 -16.95
CA PHE B 656 -4.04 -13.75 -16.38
C PHE B 656 -4.27 -12.41 -15.69
N GLU B 657 -5.16 -11.59 -16.23
CA GLU B 657 -5.37 -10.24 -15.68
C GLU B 657 -5.72 -10.27 -14.21
N LEU B 658 -6.21 -11.40 -13.69
CA LEU B 658 -6.59 -11.54 -12.29
C LEU B 658 -5.51 -12.20 -11.44
N VAL B 659 -4.37 -12.54 -12.02
CA VAL B 659 -3.25 -13.08 -11.25
C VAL B 659 -2.23 -11.95 -11.14
N PRO B 660 -1.47 -11.87 -10.06
CA PRO B 660 -0.46 -10.81 -9.93
C PRO B 660 0.67 -10.97 -10.95
N ASP B 661 1.20 -9.82 -11.38
CA ASP B 661 2.28 -9.84 -12.38
C ASP B 661 3.36 -10.84 -12.01
N ASP B 662 3.85 -10.79 -10.77
CA ASP B 662 4.99 -11.61 -10.36
C ASP B 662 4.75 -13.10 -10.56
N GLU B 663 3.50 -13.53 -10.71
CA GLU B 663 3.19 -14.94 -10.96
C GLU B 663 3.03 -15.26 -12.44
N ARG B 664 2.79 -14.28 -13.31
CA ARG B 664 2.64 -14.52 -14.74
C ARG B 664 3.86 -14.08 -15.53
N GLN B 665 4.99 -13.87 -14.86
CA GLN B 665 6.22 -13.51 -15.57
C GLN B 665 6.96 -14.76 -16.03
N CYS B 666 7.57 -14.66 -17.20
CA CYS B 666 8.38 -15.72 -17.75
C CYS B 666 9.61 -15.95 -16.88
N SER B 667 10.00 -17.22 -16.73
CA SER B 667 11.16 -17.54 -15.92
C SER B 667 12.38 -16.74 -16.37
N ALA B 668 12.68 -16.77 -17.68
CA ALA B 668 13.78 -15.98 -18.24
C ALA B 668 13.26 -15.23 -19.47
N CYS B 669 12.56 -14.11 -19.23
CA CYS B 669 12.39 -13.11 -20.27
C CYS B 669 12.77 -11.70 -19.86
N ARG B 670 12.17 -11.13 -18.81
CA ARG B 670 11.06 -11.69 -17.99
C ARG B 670 9.72 -10.99 -18.18
N THR B 671 9.01 -11.35 -19.23
CA THR B 671 7.87 -10.60 -19.72
C THR B 671 6.65 -10.95 -18.89
N THR B 672 5.76 -9.98 -18.72
CA THR B 672 4.48 -10.26 -18.12
C THR B 672 3.58 -10.89 -19.18
N CYS B 673 3.36 -12.21 -19.05
CA CYS B 673 2.61 -12.96 -20.06
C CYS B 673 1.11 -12.80 -19.84
N PHE B 674 0.39 -12.50 -20.92
CA PHE B 674 -1.07 -12.40 -20.84
C PHE B 674 -1.80 -13.17 -21.93
N LEU B 675 -1.27 -13.19 -23.16
CA LEU B 675 -2.00 -13.83 -24.26
C LEU B 675 -1.90 -15.34 -24.17
N SER B 676 -0.70 -15.86 -23.95
CA SER B 676 -0.42 -17.29 -23.99
C SER B 676 0.93 -17.53 -23.35
N ALA B 677 0.99 -18.56 -22.51
CA ALA B 677 2.23 -18.98 -21.87
C ALA B 677 2.22 -20.50 -21.78
N LEU B 678 3.36 -21.06 -21.39
CA LEU B 678 3.54 -22.50 -21.34
C LEU B 678 3.91 -22.93 -19.93
N THR B 679 3.13 -23.85 -19.38
CA THR B 679 3.35 -24.37 -18.03
C THR B 679 3.37 -25.89 -18.08
N CYS B 680 4.27 -26.49 -17.31
CA CYS B 680 4.32 -27.93 -17.16
C CYS B 680 4.12 -28.29 -15.69
N SER B 681 4.05 -29.59 -15.41
CA SER B 681 3.91 -30.08 -14.04
C SER B 681 5.22 -30.14 -13.29
N CYS B 682 6.35 -29.84 -13.96
CA CYS B 682 7.64 -29.80 -13.28
C CYS B 682 7.58 -28.93 -12.03
N ASN B 683 6.97 -27.74 -12.13
CA ASN B 683 6.72 -26.89 -10.98
C ASN B 683 5.28 -26.41 -11.00
N PRO B 684 4.70 -26.14 -9.83
CA PRO B 684 3.28 -25.73 -9.82
C PRO B 684 3.03 -24.44 -10.59
N GLU B 685 3.76 -23.38 -10.26
CA GLU B 685 3.61 -22.08 -10.90
C GLU B 685 5.00 -21.55 -11.26
N ARG B 686 5.48 -21.95 -12.43
CA ARG B 686 6.74 -21.41 -12.95
C ARG B 686 6.59 -21.36 -14.46
N LEU B 687 6.65 -20.15 -15.01
CA LEU B 687 6.15 -19.89 -16.34
C LEU B 687 7.27 -19.41 -17.24
N VAL B 688 6.96 -19.39 -18.54
CA VAL B 688 7.91 -18.96 -19.56
C VAL B 688 7.12 -18.35 -20.71
N CYS B 689 7.71 -17.33 -21.34
CA CYS B 689 7.11 -16.68 -22.49
C CYS B 689 7.18 -17.59 -23.71
N LEU B 690 6.25 -17.41 -24.64
CA LEU B 690 6.28 -18.27 -25.82
C LEU B 690 7.43 -17.96 -26.76
N TYR B 691 8.20 -16.89 -26.50
CA TYR B 691 9.44 -16.68 -27.23
C TYR B 691 10.58 -17.51 -26.67
N HIS B 692 10.46 -17.98 -25.43
CA HIS B 692 11.47 -18.83 -24.79
C HIS B 692 10.81 -20.08 -24.23
N PRO B 693 10.10 -20.85 -25.07
CA PRO B 693 9.37 -22.02 -24.54
C PRO B 693 10.28 -23.14 -24.03
N THR B 694 11.57 -23.11 -24.34
CA THR B 694 12.46 -24.21 -24.01
C THR B 694 13.05 -24.10 -22.61
N ASP B 695 13.24 -22.87 -22.11
CA ASP B 695 13.91 -22.63 -20.85
C ASP B 695 13.04 -22.96 -19.63
N LEU B 696 11.85 -23.52 -19.84
CA LEU B 696 10.97 -23.80 -18.71
C LEU B 696 11.61 -24.84 -17.79
N CYS B 697 11.83 -26.04 -18.31
CA CYS B 697 12.32 -27.15 -17.52
C CYS B 697 12.66 -28.29 -18.46
N PRO B 698 13.69 -29.10 -18.18
CA PRO B 698 14.02 -30.20 -19.11
C PRO B 698 12.88 -31.16 -19.37
N CYS B 699 11.84 -31.16 -18.54
CA CYS B 699 10.65 -31.95 -18.81
C CYS B 699 10.25 -31.79 -20.27
N PRO B 700 10.22 -32.86 -21.05
CA PRO B 700 10.05 -32.70 -22.50
C PRO B 700 8.67 -32.18 -22.86
N MET B 701 8.62 -31.49 -23.99
CA MET B 701 7.36 -30.92 -24.48
C MET B 701 6.27 -31.97 -24.64
N GLN B 702 6.62 -33.27 -24.57
CA GLN B 702 5.64 -34.34 -24.68
C GLN B 702 4.38 -34.01 -23.89
N LYS B 703 4.57 -33.48 -22.67
CA LYS B 703 3.47 -33.21 -21.77
C LYS B 703 2.98 -31.77 -21.98
N LYS B 704 2.03 -31.35 -21.15
CA LYS B 704 1.44 -30.02 -21.22
C LYS B 704 2.47 -28.99 -20.75
N CYS B 705 2.07 -27.72 -20.64
CA CYS B 705 0.73 -27.18 -20.95
C CYS B 705 0.82 -25.79 -21.57
N LEU B 706 -0.03 -25.54 -22.55
CA LEU B 706 -0.20 -24.19 -23.11
C LEU B 706 -1.42 -23.58 -22.40
N ARG B 707 -1.16 -22.88 -21.31
CA ARG B 707 -2.21 -22.14 -20.62
C ARG B 707 -2.48 -20.87 -21.45
N TYR B 708 -3.62 -20.84 -22.15
CA TYR B 708 -3.96 -19.77 -23.05
C TYR B 708 -5.07 -18.90 -22.44
N ARG B 709 -5.41 -17.82 -23.15
CA ARG B 709 -6.48 -16.91 -22.74
C ARG B 709 -7.66 -16.92 -23.70
N TYR B 710 -7.42 -16.85 -25.00
CA TYR B 710 -8.51 -16.82 -25.98
C TYR B 710 -8.24 -17.85 -27.07
N PRO B 711 -9.25 -18.67 -27.44
CA PRO B 711 -9.01 -19.79 -28.35
C PRO B 711 -9.13 -19.38 -29.81
N LEU B 712 -8.57 -18.23 -30.17
CA LEU B 712 -8.58 -17.74 -31.55
C LEU B 712 -9.99 -17.66 -32.13
N GLU B 713 -11.00 -17.55 -31.27
CA GLU B 713 -12.30 -17.00 -31.68
C GLU B 713 -12.37 -15.50 -31.40
N ASP B 714 -11.27 -14.91 -30.94
CA ASP B 714 -11.19 -13.49 -30.63
C ASP B 714 -11.00 -12.67 -31.89
N LEU B 715 -10.20 -13.16 -32.84
CA LEU B 715 -9.98 -12.47 -34.10
C LEU B 715 -11.25 -11.82 -34.66
N PRO B 716 -12.36 -12.54 -34.82
CA PRO B 716 -13.58 -11.88 -35.34
C PRO B 716 -14.17 -10.88 -34.36
N SER B 717 -14.46 -11.34 -33.14
CA SER B 717 -15.29 -10.56 -32.21
C SER B 717 -14.69 -9.18 -31.97
N LEU B 718 -13.49 -9.13 -31.40
CA LEU B 718 -12.97 -7.88 -30.88
C LEU B 718 -12.56 -6.92 -32.00
N LEU B 719 -11.87 -7.43 -33.02
CA LEU B 719 -11.58 -6.60 -34.19
C LEU B 719 -12.85 -6.02 -34.80
N TYR B 720 -14.00 -6.65 -34.57
CA TYR B 720 -15.26 -6.13 -35.08
C TYR B 720 -15.65 -4.85 -34.35
N GLY B 721 -15.85 -4.93 -33.04
CA GLY B 721 -16.27 -3.77 -32.28
C GLY B 721 -15.39 -2.56 -32.50
N VAL B 722 -14.11 -2.78 -32.79
CA VAL B 722 -13.18 -1.68 -33.01
C VAL B 722 -13.13 -1.29 -34.48
N LYS B 723 -13.12 -2.27 -35.40
CA LYS B 723 -13.29 -1.95 -36.81
C LYS B 723 -14.61 -1.23 -37.06
N VAL B 724 -15.62 -1.47 -36.21
CA VAL B 724 -16.90 -0.78 -36.36
C VAL B 724 -16.72 0.71 -36.16
N ARG B 725 -16.32 1.10 -34.94
CA ARG B 725 -16.11 2.52 -34.64
C ARG B 725 -14.91 3.10 -35.38
N ALA B 726 -14.08 2.25 -35.98
CA ALA B 726 -12.99 2.71 -36.84
C ALA B 726 -13.47 2.96 -38.27
N GLN B 727 -14.43 2.17 -38.75
CA GLN B 727 -14.98 2.35 -40.08
C GLN B 727 -16.35 3.02 -40.06
N SER B 728 -16.91 3.29 -38.89
CA SER B 728 -18.13 4.11 -38.80
C SER B 728 -17.81 5.59 -38.93
N TYR B 729 -16.65 6.02 -38.42
CA TYR B 729 -16.18 7.39 -38.60
C TYR B 729 -15.52 7.57 -39.96
N ASP B 730 -14.89 6.53 -40.52
CA ASP B 730 -14.36 6.60 -41.87
C ASP B 730 -15.47 6.80 -42.90
N THR B 731 -16.62 6.17 -42.67
CA THR B 731 -17.76 6.35 -43.56
C THR B 731 -18.49 7.66 -43.26
N TRP B 732 -18.66 7.97 -41.97
CA TRP B 732 -19.43 9.14 -41.57
C TRP B 732 -18.96 10.41 -42.26
N VAL B 733 -17.67 10.53 -42.53
CA VAL B 733 -17.14 11.75 -43.14
C VAL B 733 -17.49 11.81 -44.62
N SER B 734 -17.32 10.70 -45.34
CA SER B 734 -17.56 10.67 -46.78
C SER B 734 -19.00 11.07 -47.13
N VAL B 755 -29.02 15.24 -38.99
CA VAL B 755 -28.89 14.04 -38.18
C VAL B 755 -27.43 13.55 -38.18
N MET B 756 -26.65 13.99 -39.17
CA MET B 756 -25.24 13.63 -39.20
C MET B 756 -24.48 14.29 -38.06
N LEU B 757 -24.80 15.55 -37.77
CA LEU B 757 -24.26 16.23 -36.61
C LEU B 757 -24.84 15.71 -35.30
N GLU B 758 -25.75 14.73 -35.36
CA GLU B 758 -26.30 14.10 -34.16
C GLU B 758 -25.54 12.83 -33.80
N ASP B 759 -25.36 11.92 -34.75
CA ASP B 759 -24.63 10.68 -34.47
C ASP B 759 -23.21 10.98 -33.99
N ALA B 760 -22.64 12.10 -34.40
CA ALA B 760 -21.34 12.53 -33.90
C ALA B 760 -21.42 13.10 -32.48
N GLU B 761 -22.59 13.58 -32.07
CA GLU B 761 -22.80 13.94 -30.67
C GLU B 761 -22.97 12.70 -29.81
N ASP B 762 -23.74 11.72 -30.31
CA ASP B 762 -23.95 10.48 -29.56
C ASP B 762 -22.69 9.61 -29.56
N ARG B 763 -22.07 9.45 -30.73
CA ARG B 763 -20.88 8.62 -30.85
C ARG B 763 -19.62 9.31 -30.34
N LYS B 764 -19.71 10.57 -29.89
CA LYS B 764 -18.61 11.27 -29.22
C LYS B 764 -17.42 11.45 -30.17
N TYR B 765 -17.69 12.07 -31.32
CA TYR B 765 -16.68 12.31 -32.33
C TYR B 765 -15.95 13.62 -32.08
N PRO B 766 -14.75 13.78 -32.63
CA PRO B 766 -14.04 15.07 -32.53
C PRO B 766 -14.61 16.11 -33.48
N GLU B 767 -14.39 17.38 -33.12
CA GLU B 767 -15.06 18.51 -33.76
C GLU B 767 -14.09 19.67 -33.98
N ASN B 768 -12.90 19.38 -34.51
CA ASN B 768 -11.88 20.42 -34.66
C ASN B 768 -12.12 21.26 -35.91
N ASP B 769 -12.04 20.64 -37.09
CA ASP B 769 -12.28 21.31 -38.35
C ASP B 769 -13.57 20.87 -39.02
N LEU B 770 -14.07 19.69 -38.69
CA LEU B 770 -15.21 19.08 -39.37
C LEU B 770 -16.53 19.57 -38.81
N PHE B 771 -16.58 19.91 -37.51
CA PHE B 771 -17.74 20.58 -36.94
C PHE B 771 -17.78 22.06 -37.27
N ARG B 772 -16.62 22.67 -37.56
CA ARG B 772 -16.61 24.08 -37.94
C ARG B 772 -17.54 24.34 -39.12
N LYS B 773 -17.57 23.42 -40.09
CA LYS B 773 -18.47 23.54 -41.23
C LYS B 773 -19.93 23.36 -40.82
N LEU B 774 -20.20 22.81 -39.64
CA LEU B 774 -21.57 22.68 -39.16
C LEU B 774 -22.19 24.06 -38.91
N ARG B 775 -21.62 24.82 -37.97
CA ARG B 775 -22.10 26.17 -37.68
C ARG B 775 -21.42 27.20 -38.56
N UNK C 1 -4.44 -25.65 -4.58
CA UNK C 1 -4.81 -24.57 -5.47
C UNK C 1 -4.52 -23.22 -4.83
N UNK C 2 -3.58 -23.22 -3.88
CA UNK C 2 -3.20 -22.01 -3.18
C UNK C 2 -2.25 -21.15 -4.04
N UNK C 3 -2.32 -21.36 -5.35
CA UNK C 3 -1.59 -20.55 -6.33
C UNK C 3 -2.58 -19.90 -7.29
N UNK C 4 -2.63 -18.57 -7.29
CA UNK C 4 -3.62 -17.81 -8.07
C UNK C 4 -3.59 -18.21 -9.53
N UNK C 5 -2.42 -18.69 -9.98
CA UNK C 5 -2.27 -19.21 -11.33
C UNK C 5 -3.21 -20.40 -11.50
N UNK C 6 -3.34 -21.21 -10.45
CA UNK C 6 -4.21 -22.39 -10.48
C UNK C 6 -5.64 -21.99 -10.13
N UNK C 7 -5.82 -21.17 -9.10
CA UNK C 7 -7.16 -20.80 -8.64
C UNK C 7 -7.97 -20.14 -9.77
N UNK C 8 -7.32 -19.34 -10.61
CA UNK C 8 -7.99 -18.70 -11.73
C UNK C 8 -7.76 -19.51 -13.00
N UNK C 9 -7.39 -20.78 -12.84
CA UNK C 9 -7.11 -21.65 -13.97
C UNK C 9 -8.40 -22.24 -14.54
N UNK C 10 -9.09 -23.05 -13.74
CA UNK C 10 -10.32 -23.71 -14.21
C UNK C 10 -10.04 -24.49 -15.48
NI NI D . -16.15 -0.70 17.58
ZN ZN E . 3.13 -20.30 18.79
ZN ZN F . 14.00 -29.64 11.70
C4 90V G . -13.63 1.15 15.17
C14 90V G . -18.90 3.54 13.82
C5 90V G . -14.97 1.34 14.85
C6 90V G . -15.68 0.86 15.95
C10 90V G . -17.22 0.83 16.13
C13 90V G . -17.61 2.68 14.17
C3 90V G . -11.51 0.27 14.11
C1 90V G . -11.61 2.60 15.08
C15 90V G . -19.91 2.74 14.10
C17 90V G . -19.40 1.77 15.37
C19 90V G . -21.39 2.27 12.14
C2 90V G . -12.39 1.51 14.32
C21 90V G . -21.87 1.45 10.96
C22 90V G . -22.84 2.18 10.02
C23 90V G . -21.40 1.93 9.59
N12 90V G . -18.07 1.69 15.31
N18 90V G . -20.27 1.87 12.97
N7 90V G . -14.81 0.42 16.85
N9 90V G . -13.55 0.61 16.37
O11 90V G . -17.73 0.16 16.95
O20 90V G . -21.96 3.27 12.38
H142 90V G . -18.93 4.34 14.36
H141 90V G . -18.91 3.77 12.87
H51 90V G . -15.31 1.71 14.08
H132 90V G . -17.32 2.18 13.39
H131 90V G . -16.90 3.25 14.49
H32 90V G . -10.73 0.51 13.65
H31 90V G . -11.98 -0.37 13.61
H33 90V G . -11.28 -0.09 14.95
H13 90V G . -12.12 3.39 15.10
H12 90V G . -10.80 2.76 14.64
H11 90V G . -11.44 2.31 15.95
H16 90V G . -20.65 3.25 14.36
H172 90V G . -19.80 0.88 15.28
H171 90V G . -19.66 2.16 16.22
H21 90V G . -12.67 1.84 13.49
H211 90V G . -22.01 0.49 11.04
H222 90V G . -23.50 1.62 9.59
H221 90V G . -23.05 3.09 10.27
H232 90V G . -21.26 1.24 8.92
H231 90V G . -20.82 2.72 9.60
H181 90V G . -19.83 1.14 12.82
H8 90V G . -15.01 0.08 17.62
NI NI H . 11.99 11.95 -17.04
ZN ZN I . 9.70 -14.92 -21.48
ZN ZN J . 7.85 -30.39 -16.21
C4 90V K . 9.04 11.51 -14.61
C14 90V K . 11.50 16.46 -12.63
C5 90V K . 10.02 12.39 -14.17
C6 90V K . 10.76 12.73 -15.32
C10 90V K . 11.95 13.71 -15.39
C13 90V K . 11.11 15.02 -13.18
C3 90V K . 8.21 9.31 -13.72
C1 90V K . 6.56 11.17 -14.31
C15 90V K . 12.76 16.58 -12.92
C17 90V K . 13.03 15.69 -14.33
C19 90V K . 14.32 16.93 -10.99
C2 90V K . 7.96 10.84 -13.74
C21 90V K . 15.26 16.43 -9.90
C22 90V K . 15.56 17.43 -8.78
C23 90V K . 14.61 16.26 -8.52
N12 90V K . 12.09 14.76 -14.39
N18 90V K . 13.62 16.01 -11.88
N7 90V K . 10.23 12.10 -16.36
N9 90V K . 9.18 11.33 -15.91
O11 90V K . 12.75 13.63 -16.25
O20 90V K . 14.15 18.10 -11.10
H142 90V K . 10.98 17.14 -13.08
H141 90V K . 11.36 16.50 -11.67
H51 90V K . 10.16 12.69 -13.31
H132 90V K . 10.19 15.00 -13.49
H131 90V K . 11.26 14.35 -12.49
H32 90V K . 9.03 9.13 -13.29
H31 90V K . 8.22 8.99 -14.60
H33 90V K . 7.51 8.89 -13.24
H13 90V K . 6.40 12.09 -14.20
H12 90V K . 5.91 10.68 -13.84
H11 90V K . 6.53 10.94 -15.22
H16 90V K . 12.97 17.49 -13.07
H172 90V K . 13.91 15.27 -14.29
H171 90V K . 12.97 16.27 -15.10
H21 90V K . 8.03 11.16 -12.86
H211 90V K . 15.97 15.81 -10.11
H222 90V K . 16.44 17.35 -8.37
H221 90V K . 15.14 18.30 -8.87
H232 90V K . 13.66 16.49 -8.48
H231 90V K . 14.97 15.54 -7.98
H181 90V K . 13.74 15.17 -11.82
H8 90V K . 10.52 12.15 -17.17
#